data_3OVW
#
_entry.id   3OVW
#
_cell.length_a   57.420
_cell.length_b   81.940
_cell.length_c   90.990
_cell.angle_alpha   90.00
_cell.angle_beta   105.97
_cell.angle_gamma   90.00
#
_symmetry.space_group_name_H-M   'P 1 21 1'
#
loop_
_entity.id
_entity.type
_entity.pdbx_description
1 polymer 'ENDOGLUCANASE I'
2 non-polymer 2-acetamido-2-deoxy-beta-D-glucopyranose
3 water water
#
_entity_poly.entity_id   1
_entity_poly.type   'polypeptide(L)'
_entity_poly.pdbx_seq_one_letter_code
;(PCA)TPDKAKEQHPKLETYRCTKASGCKKQTNYIVADAGIHGIRQKNGAGCGDWGQKPNATACPDEASCAKNCILSGMD
SNAYKNAGITTSGNKLRLQQLINNQLVSPRVYLLEENKKKYEMLHLTGTEFSFDVEMEKLPCGMNGALYLSEMPQDGGKS
TSRNSKAGAYYGAGYCDAQCYVTPFINGVGNIKGQGVCCNELDIWEANSRATHIAPHPCSKPGLYGCTGDECGSSGICDK
AGCGWNHNRINVTDFYGRGKQYKVDSTRKFTVTSQFVANKQGDLIELHRHYIQDNKVIESAVVNISGPPKINFINDKYCA
ATGANEYMRLGGTKQMGDAMSRGMVLAMSVWWSEGDFMAWLDQGVAGPCDATEGDPKNIVKVQPNPEVTFSNIRIGEIGS
TSSVKAPAYPGPHRL
;
_entity_poly.pdbx_strand_id   A,B
#
loop_
_chem_comp.id
_chem_comp.type
_chem_comp.name
_chem_comp.formula
NAG D-saccharide, beta linking 2-acetamido-2-deoxy-beta-D-glucopyranose 'C8 H15 N O6'
#
# COMPACT_ATOMS: atom_id res chain seq x y z
N PCA A 1 -25.02 2.19 -21.73
CA PCA A 1 -25.82 2.50 -22.91
CB PCA A 1 -26.52 3.85 -22.56
CG PCA A 1 -25.42 4.51 -21.70
CD PCA A 1 -24.50 3.35 -21.28
OE PCA A 1 -23.78 3.44 -20.26
C PCA A 1 -24.93 2.67 -24.15
O PCA A 1 -23.76 3.24 -24.19
N THR A 2 -25.61 2.76 -25.38
CA THR A 2 -25.28 3.01 -26.84
C THR A 2 -25.53 4.46 -27.21
N PRO A 3 -24.48 5.16 -27.55
CA PRO A 3 -24.53 6.53 -28.03
C PRO A 3 -25.28 6.55 -29.36
N ASP A 4 -26.08 7.59 -29.57
CA ASP A 4 -26.74 7.79 -30.87
C ASP A 4 -25.71 8.37 -31.81
N LYS A 5 -26.21 9.02 -32.87
CA LYS A 5 -25.26 9.55 -33.85
C LYS A 5 -25.11 11.05 -33.80
N ALA A 6 -25.76 11.74 -32.86
CA ALA A 6 -25.57 13.18 -32.80
C ALA A 6 -24.09 13.46 -32.58
N LYS A 7 -23.60 14.61 -33.00
CA LYS A 7 -22.19 14.93 -32.85
C LYS A 7 -21.89 15.51 -31.46
N GLU A 8 -20.83 14.99 -30.82
CA GLU A 8 -20.49 15.48 -29.50
C GLU A 8 -19.59 16.70 -29.69
N GLN A 9 -19.88 17.85 -29.11
CA GLN A 9 -18.96 18.96 -29.30
C GLN A 9 -18.36 19.36 -27.95
N HIS A 10 -17.38 18.61 -27.49
CA HIS A 10 -16.77 18.91 -26.21
C HIS A 10 -16.17 20.29 -26.13
N PRO A 11 -16.47 21.02 -25.09
CA PRO A 11 -15.85 22.33 -24.87
C PRO A 11 -14.35 22.07 -24.69
N LYS A 12 -13.51 22.93 -25.17
CA LYS A 12 -12.09 22.94 -25.05
C LYS A 12 -11.69 23.63 -23.74
N LEU A 13 -10.62 23.16 -23.10
CA LEU A 13 -10.16 23.91 -21.93
C LEU A 13 -8.62 23.89 -22.02
N GLU A 14 -8.00 25.04 -21.97
CA GLU A 14 -6.54 25.05 -21.93
C GLU A 14 -6.08 24.96 -20.49
N THR A 15 -5.12 24.12 -20.25
CA THR A 15 -4.49 23.82 -18.98
C THR A 15 -2.97 23.82 -19.18
N TYR A 16 -2.21 23.71 -18.07
CA TYR A 16 -0.78 23.94 -18.03
C TYR A 16 -0.04 22.80 -17.33
N ARG A 17 1.17 22.50 -17.77
CA ARG A 17 2.07 21.53 -17.19
C ARG A 17 3.34 22.33 -16.89
N CYS A 18 3.83 22.27 -15.65
CA CYS A 18 4.93 23.14 -15.27
C CYS A 18 6.11 22.37 -14.71
N THR A 19 7.31 22.90 -14.81
CA THR A 19 8.48 22.31 -14.17
C THR A 19 9.26 23.50 -13.61
N LYS A 20 10.09 23.29 -12.61
CA LYS A 20 10.89 24.36 -12.05
C LYS A 20 11.79 24.94 -13.14
N ALA A 21 12.49 24.09 -13.89
CA ALA A 21 13.41 24.51 -14.95
C ALA A 21 12.82 25.25 -16.14
N SER A 22 11.65 24.87 -16.68
CA SER A 22 11.19 25.57 -17.86
C SER A 22 9.79 26.15 -17.79
N GLY A 23 9.30 26.45 -16.60
CA GLY A 23 8.01 27.07 -16.41
C GLY A 23 6.81 26.20 -16.78
N CYS A 24 5.71 26.89 -17.04
CA CYS A 24 4.45 26.27 -17.38
C CYS A 24 4.22 26.31 -18.90
N LYS A 25 3.82 25.18 -19.45
CA LYS A 25 3.53 24.98 -20.84
C LYS A 25 2.03 24.78 -21.03
N LYS A 26 1.45 25.54 -21.94
CA LYS A 26 0.02 25.43 -22.19
C LYS A 26 -0.28 24.25 -23.09
N GLN A 27 -1.37 23.55 -22.87
CA GLN A 27 -1.81 22.46 -23.69
C GLN A 27 -3.35 22.53 -23.78
N THR A 28 -3.85 21.71 -24.67
CA THR A 28 -5.25 21.59 -24.95
C THR A 28 -5.88 20.36 -24.30
N ASN A 29 -6.95 20.58 -23.53
CA ASN A 29 -7.71 19.43 -23.01
C ASN A 29 -9.15 19.69 -23.47
N TYR A 30 -10.04 18.78 -23.23
CA TYR A 30 -11.44 18.83 -23.50
C TYR A 30 -12.18 18.45 -22.22
N ILE A 31 -13.40 18.92 -22.09
CA ILE A 31 -14.32 18.71 -20.98
C ILE A 31 -15.43 17.82 -21.50
N VAL A 32 -15.79 16.83 -20.69
CA VAL A 32 -16.95 16.04 -21.07
C VAL A 32 -17.94 16.03 -19.91
N ALA A 33 -19.22 16.12 -20.17
CA ALA A 33 -20.25 16.09 -19.13
C ALA A 33 -20.47 14.65 -18.72
N ASP A 34 -20.92 14.43 -17.50
CA ASP A 34 -21.22 13.05 -17.08
C ASP A 34 -22.11 12.37 -18.10
N ALA A 35 -21.99 11.05 -18.21
CA ALA A 35 -22.87 10.29 -19.09
C ALA A 35 -24.34 10.61 -18.80
N GLY A 36 -24.76 10.63 -17.52
CA GLY A 36 -26.12 10.86 -17.13
C GLY A 36 -26.75 12.19 -17.57
N ILE A 37 -25.99 13.24 -17.63
CA ILE A 37 -26.33 14.54 -18.14
C ILE A 37 -26.61 14.53 -19.65
N HIS A 38 -25.97 13.64 -20.39
CA HIS A 38 -26.23 13.54 -21.82
C HIS A 38 -27.69 13.13 -22.00
N GLY A 39 -28.31 12.34 -21.14
CA GLY A 39 -29.69 11.90 -21.48
C GLY A 39 -29.61 10.46 -21.98
N ILE A 40 -30.12 9.54 -21.20
CA ILE A 40 -30.11 8.13 -21.51
C ILE A 40 -31.59 7.72 -21.58
N ARG A 41 -32.01 7.41 -22.81
CA ARG A 41 -33.45 7.15 -22.98
C ARG A 41 -33.73 5.94 -23.84
N GLN A 42 -34.89 5.37 -23.63
CA GLN A 42 -35.29 4.27 -24.52
C GLN A 42 -35.78 4.90 -25.81
N LYS A 43 -36.22 4.11 -26.77
CA LYS A 43 -36.74 4.65 -28.01
C LYS A 43 -38.07 5.38 -27.83
N ASN A 44 -38.89 4.95 -26.88
CA ASN A 44 -40.20 5.50 -26.64
C ASN A 44 -40.16 6.73 -25.75
N GLY A 45 -38.98 7.17 -25.35
CA GLY A 45 -38.82 8.32 -24.49
C GLY A 45 -38.68 7.95 -23.02
N ALA A 46 -39.10 6.80 -22.51
CA ALA A 46 -38.93 6.48 -21.09
C ALA A 46 -37.44 6.38 -20.75
N GLY A 47 -37.13 6.65 -19.47
CA GLY A 47 -35.76 6.65 -18.99
C GLY A 47 -35.28 5.22 -18.73
N CYS A 48 -33.97 5.07 -18.49
CA CYS A 48 -33.48 3.73 -18.14
C CYS A 48 -33.19 3.52 -16.66
N GLY A 49 -33.37 4.53 -15.83
CA GLY A 49 -33.17 4.38 -14.39
C GLY A 49 -32.74 5.69 -13.73
N ASP A 50 -33.08 5.80 -12.45
CA ASP A 50 -32.76 7.04 -11.74
C ASP A 50 -31.62 6.74 -10.78
N TRP A 51 -30.85 7.78 -10.47
CA TRP A 51 -29.78 7.66 -9.48
C TRP A 51 -30.32 6.98 -8.24
N GLY A 52 -29.62 6.02 -7.68
CA GLY A 52 -30.01 5.29 -6.49
C GLY A 52 -30.57 3.94 -6.84
N GLN A 53 -30.86 3.69 -8.11
CA GLN A 53 -31.47 2.44 -8.49
C GLN A 53 -30.86 1.61 -9.60
N LYS A 54 -31.20 0.34 -9.61
CA LYS A 54 -30.94 -0.57 -10.72
C LYS A 54 -31.66 0.06 -11.95
N PRO A 55 -31.21 -0.23 -13.15
CA PRO A 55 -31.81 0.26 -14.36
C PRO A 55 -33.18 -0.39 -14.57
N ASN A 56 -34.07 0.30 -15.27
CA ASN A 56 -35.40 -0.17 -15.61
C ASN A 56 -35.34 -1.67 -15.96
N ALA A 57 -36.05 -2.50 -15.23
CA ALA A 57 -36.06 -3.92 -15.46
C ALA A 57 -36.63 -4.33 -16.80
N THR A 58 -37.61 -3.63 -17.36
CA THR A 58 -38.17 -4.07 -18.63
C THR A 58 -37.13 -3.80 -19.71
N ALA A 59 -36.51 -2.64 -19.64
CA ALA A 59 -35.50 -2.24 -20.60
C ALA A 59 -34.21 -3.02 -20.40
N CYS A 60 -33.89 -3.41 -19.17
CA CYS A 60 -32.57 -3.97 -18.92
C CYS A 60 -32.58 -5.26 -18.14
N PRO A 61 -33.08 -6.34 -18.69
CA PRO A 61 -33.14 -7.64 -18.04
C PRO A 61 -31.75 -8.23 -17.88
N ASP A 62 -30.89 -7.87 -18.83
CA ASP A 62 -29.51 -8.35 -18.82
C ASP A 62 -28.69 -7.25 -19.46
N GLU A 63 -27.40 -7.38 -19.33
CA GLU A 63 -26.48 -6.37 -19.78
C GLU A 63 -26.58 -6.06 -21.27
N ALA A 64 -26.71 -7.08 -22.10
CA ALA A 64 -26.77 -6.89 -23.54
C ALA A 64 -28.03 -6.17 -23.98
N SER A 65 -29.17 -6.54 -23.42
CA SER A 65 -30.41 -5.82 -23.73
C SER A 65 -30.31 -4.36 -23.34
N CYS A 66 -29.83 -4.12 -22.12
CA CYS A 66 -29.69 -2.76 -21.62
C CYS A 66 -28.86 -1.95 -22.61
N ALA A 67 -27.75 -2.48 -23.13
CA ALA A 67 -26.92 -1.69 -24.05
C ALA A 67 -27.73 -1.29 -25.27
N LYS A 68 -28.49 -2.21 -25.85
CA LYS A 68 -29.30 -1.97 -27.03
C LYS A 68 -30.51 -1.10 -26.72
N ASN A 69 -31.16 -1.22 -25.55
CA ASN A 69 -32.34 -0.42 -25.34
C ASN A 69 -32.08 0.97 -24.78
N CYS A 70 -30.95 1.22 -24.16
CA CYS A 70 -30.75 2.54 -23.55
C CYS A 70 -29.85 3.40 -24.41
N ILE A 71 -30.39 4.50 -24.94
CA ILE A 71 -29.67 5.33 -25.88
C ILE A 71 -29.14 6.60 -25.22
N LEU A 72 -27.86 6.85 -25.43
CA LEU A 72 -27.22 8.05 -24.82
C LEU A 72 -27.19 9.11 -25.91
N SER A 73 -27.59 10.34 -25.67
CA SER A 73 -27.60 11.34 -26.73
C SER A 73 -26.34 12.17 -26.80
N GLY A 74 -25.77 12.35 -27.98
CA GLY A 74 -24.56 13.19 -28.10
C GLY A 74 -24.95 14.61 -27.73
N MET A 75 -24.00 15.39 -27.26
CA MET A 75 -24.24 16.77 -26.87
C MET A 75 -23.40 17.72 -27.75
N ASP A 76 -24.17 18.56 -28.46
CA ASP A 76 -23.50 19.57 -29.28
C ASP A 76 -23.23 20.77 -28.39
N SER A 77 -22.56 21.81 -28.90
CA SER A 77 -22.22 22.93 -28.05
C SER A 77 -23.44 23.60 -27.46
N ASN A 78 -24.59 23.67 -28.11
CA ASN A 78 -25.75 24.24 -27.48
C ASN A 78 -26.23 23.39 -26.31
N ALA A 79 -26.24 22.08 -26.47
CA ALA A 79 -26.61 21.17 -25.38
C ALA A 79 -25.65 21.43 -24.17
N TYR A 80 -24.37 21.67 -24.38
CA TYR A 80 -23.42 21.92 -23.32
C TYR A 80 -23.80 23.23 -22.63
N LYS A 81 -24.07 24.28 -23.38
CA LYS A 81 -24.47 25.56 -22.85
C LYS A 81 -25.71 25.44 -21.98
N ASN A 82 -26.70 24.70 -22.48
CA ASN A 82 -27.97 24.53 -21.80
C ASN A 82 -27.86 23.62 -20.61
N ALA A 83 -26.80 22.84 -20.50
CA ALA A 83 -26.51 22.04 -19.31
C ALA A 83 -25.63 22.81 -18.29
N GLY A 84 -25.44 24.09 -18.53
CA GLY A 84 -24.70 24.95 -17.57
C GLY A 84 -23.19 24.95 -17.73
N ILE A 85 -22.67 24.49 -18.85
CA ILE A 85 -21.22 24.33 -19.07
C ILE A 85 -20.68 25.14 -20.21
N THR A 86 -19.78 26.07 -20.01
CA THR A 86 -19.15 26.83 -21.07
C THR A 86 -17.69 27.04 -20.70
N THR A 87 -16.84 27.25 -21.70
CA THR A 87 -15.45 27.54 -21.42
C THR A 87 -14.99 28.70 -22.27
N SER A 88 -13.85 29.23 -21.88
CA SER A 88 -13.22 30.29 -22.61
C SER A 88 -11.76 30.37 -22.20
N GLY A 89 -10.84 30.01 -23.10
CA GLY A 89 -9.41 30.03 -22.83
C GLY A 89 -9.11 28.94 -21.74
N ASN A 90 -8.64 29.38 -20.59
CA ASN A 90 -8.37 28.47 -19.49
C ASN A 90 -9.46 28.47 -18.41
N LYS A 91 -10.65 28.96 -18.73
CA LYS A 91 -11.74 29.08 -17.79
C LYS A 91 -12.93 28.19 -18.06
N LEU A 92 -13.39 27.58 -16.98
CA LEU A 92 -14.53 26.68 -16.94
C LEU A 92 -15.59 27.28 -16.00
N ARG A 93 -16.73 27.65 -16.61
CA ARG A 93 -17.86 28.28 -15.94
C ARG A 93 -18.98 27.27 -15.78
N LEU A 94 -19.35 26.99 -14.55
CA LEU A 94 -20.41 25.99 -14.30
C LEU A 94 -21.61 26.69 -13.65
N GLN A 95 -22.78 26.54 -14.19
CA GLN A 95 -23.98 27.24 -13.66
C GLN A 95 -24.93 26.18 -13.12
N GLN A 96 -25.48 26.44 -11.93
CA GLN A 96 -26.37 25.50 -11.26
C GLN A 96 -27.73 25.37 -11.94
N LEU A 97 -28.21 26.50 -12.47
CA LEU A 97 -29.53 26.58 -13.07
C LEU A 97 -29.48 27.28 -14.42
N ILE A 98 -30.27 26.81 -15.38
CA ILE A 98 -30.38 27.42 -16.71
C ILE A 98 -31.87 27.62 -16.97
N ASN A 99 -32.33 28.84 -17.19
CA ASN A 99 -33.78 29.10 -17.38
C ASN A 99 -34.62 28.42 -16.32
N ASN A 100 -34.14 28.53 -15.07
CA ASN A 100 -34.76 27.91 -13.95
C ASN A 100 -34.94 26.42 -13.98
N GLN A 101 -34.10 25.70 -14.71
CA GLN A 101 -34.04 24.27 -14.72
C GLN A 101 -32.74 23.97 -13.92
N LEU A 102 -32.78 23.07 -12.99
CA LEU A 102 -31.67 22.60 -12.21
C LEU A 102 -30.74 21.84 -13.18
N VAL A 103 -29.55 22.34 -13.45
CA VAL A 103 -28.76 21.50 -14.38
C VAL A 103 -27.62 20.89 -13.59
N SER A 104 -27.18 21.55 -12.51
CA SER A 104 -26.13 21.02 -11.66
C SER A 104 -25.12 20.15 -12.38
N PRO A 105 -24.32 20.72 -13.24
CA PRO A 105 -23.36 19.95 -14.03
C PRO A 105 -22.22 19.31 -13.24
N ARG A 106 -21.76 18.19 -13.76
CA ARG A 106 -20.56 17.51 -13.27
C ARG A 106 -19.80 17.14 -14.54
N VAL A 107 -18.54 17.52 -14.66
CA VAL A 107 -17.68 17.33 -15.79
C VAL A 107 -16.29 16.79 -15.46
N TYR A 108 -15.70 16.08 -16.46
CA TYR A 108 -14.40 15.45 -16.35
C TYR A 108 -13.44 16.01 -17.40
N LEU A 109 -12.14 15.98 -17.15
CA LEU A 109 -11.11 16.48 -18.02
C LEU A 109 -10.61 15.33 -18.92
N LEU A 110 -10.73 15.54 -20.23
CA LEU A 110 -10.31 14.55 -21.21
C LEU A 110 -8.94 14.94 -21.78
N GLU A 111 -8.24 13.89 -22.20
CA GLU A 111 -7.00 14.13 -22.97
C GLU A 111 -7.38 14.82 -24.30
N GLU A 112 -6.39 15.39 -24.96
CA GLU A 112 -6.57 16.10 -26.22
C GLU A 112 -7.17 15.25 -27.31
N ASN A 113 -6.93 13.93 -27.34
CA ASN A 113 -7.59 13.08 -28.32
C ASN A 113 -9.05 12.83 -28.01
N LYS A 114 -9.58 13.22 -26.83
CA LYS A 114 -10.95 13.00 -26.47
C LYS A 114 -11.40 11.59 -26.21
N LYS A 115 -10.57 10.59 -26.34
CA LYS A 115 -10.90 9.21 -26.17
C LYS A 115 -10.56 8.61 -24.82
N LYS A 116 -9.79 9.31 -24.01
CA LYS A 116 -9.38 8.88 -22.71
C LYS A 116 -9.41 10.04 -21.70
N TYR A 117 -9.64 9.68 -20.43
CA TYR A 117 -9.59 10.73 -19.41
C TYR A 117 -8.14 11.12 -19.22
N GLU A 118 -7.94 12.36 -18.88
CA GLU A 118 -6.55 12.80 -18.64
C GLU A 118 -6.20 12.31 -17.23
N MET A 119 -5.35 11.33 -17.11
CA MET A 119 -4.95 10.72 -15.86
C MET A 119 -3.92 11.50 -15.10
N LEU A 120 -4.21 12.09 -13.98
CA LEU A 120 -3.29 12.89 -13.17
C LEU A 120 -2.60 12.02 -12.12
N HIS A 121 -1.31 12.09 -12.02
CA HIS A 121 -0.46 11.35 -11.08
C HIS A 121 -0.01 12.37 -10.05
N LEU A 122 -0.72 12.48 -8.93
CA LEU A 122 -0.40 13.60 -8.03
C LEU A 122 0.58 13.39 -6.91
N THR A 123 0.85 12.14 -6.57
CA THR A 123 1.75 11.97 -5.43
C THR A 123 3.09 12.60 -5.74
N GLY A 124 3.61 13.46 -4.88
CA GLY A 124 4.92 14.04 -5.12
C GLY A 124 4.83 15.26 -6.03
N THR A 125 3.66 15.76 -6.39
CA THR A 125 3.54 16.90 -7.31
C THR A 125 2.71 18.00 -6.68
N GLU A 126 2.46 19.05 -7.44
CA GLU A 126 1.72 20.24 -7.06
C GLU A 126 0.55 20.48 -8.00
N PHE A 127 -0.53 21.09 -7.53
CA PHE A 127 -1.73 21.34 -8.29
C PHE A 127 -2.26 22.69 -7.88
N SER A 128 -2.45 23.57 -8.87
CA SER A 128 -2.92 24.91 -8.66
C SER A 128 -4.10 25.24 -9.59
N PHE A 129 -5.01 26.09 -9.07
CA PHE A 129 -6.10 26.57 -9.90
C PHE A 129 -6.56 27.90 -9.32
N ASP A 130 -7.11 28.75 -10.18
CA ASP A 130 -7.78 29.98 -9.76
C ASP A 130 -9.28 29.68 -9.72
N VAL A 131 -9.95 30.38 -8.80
CA VAL A 131 -11.38 30.18 -8.62
C VAL A 131 -12.11 31.47 -8.23
N GLU A 132 -13.37 31.52 -8.60
CA GLU A 132 -14.25 32.67 -8.35
C GLU A 132 -15.48 32.16 -7.65
N MET A 133 -15.54 32.46 -6.37
CA MET A 133 -16.54 31.89 -5.45
C MET A 133 -17.67 32.80 -5.01
N GLU A 134 -17.61 34.07 -5.37
CA GLU A 134 -18.62 35.05 -4.99
C GLU A 134 -20.05 34.62 -5.23
N LYS A 135 -20.45 33.83 -6.20
CA LYS A 135 -21.87 33.53 -6.42
C LYS A 135 -22.30 32.22 -5.82
N LEU A 136 -21.55 31.82 -4.80
CA LEU A 136 -21.94 30.57 -4.10
C LEU A 136 -22.18 30.91 -2.63
N PRO A 137 -23.44 31.02 -2.27
CA PRO A 137 -23.90 31.24 -0.90
C PRO A 137 -23.99 29.91 -0.14
N CYS A 138 -24.29 30.01 1.15
CA CYS A 138 -24.51 28.88 2.01
C CYS A 138 -25.32 27.80 1.29
N GLY A 139 -24.99 26.54 1.53
CA GLY A 139 -25.72 25.42 0.99
C GLY A 139 -25.27 24.98 -0.40
N MET A 140 -24.47 25.79 -1.06
CA MET A 140 -23.96 25.48 -2.39
C MET A 140 -22.61 24.76 -2.20
N ASN A 141 -22.33 23.92 -3.18
CA ASN A 141 -21.01 23.26 -3.19
C ASN A 141 -20.44 23.31 -4.62
N GLY A 142 -19.36 24.03 -4.79
CA GLY A 142 -18.62 24.22 -6.04
C GLY A 142 -17.37 23.31 -5.87
N ALA A 143 -17.31 22.15 -6.47
CA ALA A 143 -16.30 21.16 -6.16
C ALA A 143 -15.33 20.87 -7.30
N LEU A 144 -14.09 20.72 -6.88
CA LEU A 144 -12.98 20.31 -7.74
C LEU A 144 -12.31 19.11 -7.05
N TYR A 145 -12.41 17.95 -7.70
CA TYR A 145 -11.85 16.78 -7.05
C TYR A 145 -11.37 15.69 -7.99
N LEU A 146 -10.80 14.61 -7.41
CA LEU A 146 -10.37 13.48 -8.26
C LEU A 146 -10.96 12.15 -7.82
N SER A 147 -11.32 11.32 -8.79
CA SER A 147 -11.83 9.98 -8.53
C SER A 147 -10.92 8.98 -9.26
N GLU A 148 -10.86 7.74 -8.83
CA GLU A 148 -10.05 6.76 -9.55
C GLU A 148 -10.94 6.01 -10.53
N MET A 149 -11.42 6.75 -11.51
CA MET A 149 -12.24 6.22 -12.59
C MET A 149 -11.31 5.55 -13.60
N PRO A 150 -11.78 4.55 -14.29
CA PRO A 150 -11.11 3.90 -15.38
C PRO A 150 -10.92 4.95 -16.50
N GLN A 151 -9.68 4.97 -17.04
CA GLN A 151 -9.31 5.93 -18.06
C GLN A 151 -10.12 5.87 -19.34
N ASP A 152 -10.61 4.71 -19.72
CA ASP A 152 -11.41 4.56 -20.91
C ASP A 152 -12.90 4.53 -20.59
N GLY A 153 -13.34 4.97 -19.41
CA GLY A 153 -14.76 4.91 -19.03
C GLY A 153 -15.36 3.54 -18.81
N GLY A 154 -14.55 2.50 -18.71
CA GLY A 154 -14.95 1.14 -18.52
C GLY A 154 -15.12 0.32 -19.78
N LYS A 155 -14.79 0.86 -20.96
CA LYS A 155 -14.98 0.12 -22.20
C LYS A 155 -14.33 -1.26 -22.19
N SER A 156 -13.12 -1.37 -21.66
CA SER A 156 -12.39 -2.62 -21.58
C SER A 156 -12.97 -3.68 -20.67
N THR A 157 -13.92 -3.41 -19.79
CA THR A 157 -14.44 -4.46 -18.91
C THR A 157 -15.49 -5.31 -19.59
N SER A 158 -16.03 -4.87 -20.74
CA SER A 158 -17.15 -5.63 -21.31
C SER A 158 -17.44 -5.15 -22.73
N ARG A 159 -17.85 -6.10 -23.55
CA ARG A 159 -18.17 -5.85 -24.95
C ARG A 159 -19.46 -5.04 -25.10
N ASN A 160 -20.29 -5.02 -24.07
CA ASN A 160 -21.47 -4.21 -24.03
C ASN A 160 -21.17 -2.79 -23.55
N SER A 161 -19.92 -2.48 -23.18
CA SER A 161 -19.70 -1.12 -22.70
C SER A 161 -19.28 -0.26 -23.87
N LYS A 162 -20.11 0.69 -24.30
CA LYS A 162 -19.79 1.47 -25.49
C LYS A 162 -19.45 2.93 -25.27
N ALA A 163 -20.08 3.62 -24.33
CA ALA A 163 -19.83 5.03 -24.17
C ALA A 163 -18.38 5.42 -24.04
N GLY A 164 -17.63 4.93 -23.07
CA GLY A 164 -16.26 5.32 -22.88
C GLY A 164 -16.17 6.69 -22.22
N ALA A 165 -14.96 7.20 -22.13
CA ALA A 165 -14.66 8.50 -21.62
C ALA A 165 -15.21 9.61 -22.52
N TYR A 166 -15.36 9.30 -23.81
CA TYR A 166 -15.74 10.29 -24.82
C TYR A 166 -17.14 10.83 -24.50
N TYR A 167 -18.02 9.98 -23.98
CA TYR A 167 -19.34 10.38 -23.51
C TYR A 167 -19.48 10.44 -22.00
N GLY A 168 -18.40 10.44 -21.21
CA GLY A 168 -18.49 10.65 -19.76
C GLY A 168 -18.97 9.46 -18.94
N ALA A 169 -18.63 8.23 -19.26
CA ALA A 169 -19.04 7.03 -18.53
C ALA A 169 -17.98 6.68 -17.47
N GLY A 170 -18.28 5.79 -16.56
CA GLY A 170 -17.35 5.28 -15.60
C GLY A 170 -17.18 5.98 -14.28
N TYR A 171 -18.07 6.89 -13.91
CA TYR A 171 -17.96 7.70 -12.71
C TYR A 171 -18.02 6.80 -11.50
N CYS A 172 -17.30 7.16 -10.46
CA CYS A 172 -17.33 6.45 -9.19
C CYS A 172 -16.84 7.46 -8.16
N ASP A 173 -17.05 7.23 -6.86
CA ASP A 173 -16.46 8.14 -5.86
C ASP A 173 -16.50 7.34 -4.55
N ALA A 174 -16.11 7.93 -3.43
CA ALA A 174 -16.05 7.17 -2.18
C ALA A 174 -17.36 6.90 -1.46
N GLN A 175 -18.52 7.34 -1.98
CA GLN A 175 -19.78 7.09 -1.27
C GLN A 175 -20.34 5.79 -1.72
N CYS A 176 -19.72 5.12 -2.72
CA CYS A 176 -20.34 3.85 -3.12
C CYS A 176 -21.85 3.98 -3.37
N TYR A 177 -22.37 4.99 -4.01
CA TYR A 177 -23.76 5.03 -4.43
C TYR A 177 -24.17 4.04 -5.49
N VAL A 178 -25.41 3.59 -5.52
CA VAL A 178 -25.95 2.73 -6.57
C VAL A 178 -26.42 3.59 -7.75
N THR A 179 -25.80 3.48 -8.91
CA THR A 179 -26.23 4.17 -10.13
C THR A 179 -26.70 3.12 -11.13
N PRO A 180 -27.63 3.46 -12.01
CA PRO A 180 -28.20 2.60 -13.00
C PRO A 180 -27.15 2.05 -13.94
N PHE A 181 -26.06 2.80 -14.19
CA PHE A 181 -24.97 2.28 -15.02
C PHE A 181 -23.63 2.23 -14.23
N ILE A 182 -22.83 1.21 -14.48
CA ILE A 182 -21.52 1.06 -13.86
C ILE A 182 -20.54 0.67 -14.95
N ASN A 183 -19.42 1.39 -15.10
CA ASN A 183 -18.46 1.12 -16.16
C ASN A 183 -19.12 1.17 -17.55
N GLY A 184 -20.18 1.92 -17.81
CA GLY A 184 -20.83 1.91 -19.11
C GLY A 184 -21.69 0.69 -19.35
N VAL A 185 -22.02 -0.11 -18.35
CA VAL A 185 -22.95 -1.22 -18.52
C VAL A 185 -24.05 -1.11 -17.47
N GLY A 186 -25.23 -1.63 -17.75
CA GLY A 186 -26.36 -1.62 -16.85
C GLY A 186 -25.99 -2.29 -15.53
N ASN A 187 -26.24 -1.64 -14.40
CA ASN A 187 -25.92 -2.18 -13.07
C ASN A 187 -27.03 -3.11 -12.54
N ILE A 188 -27.29 -4.17 -13.24
CA ILE A 188 -28.28 -5.18 -12.97
C ILE A 188 -28.31 -5.71 -11.55
N LYS A 189 -27.17 -5.95 -10.94
CA LYS A 189 -27.05 -6.39 -9.57
C LYS A 189 -27.24 -5.27 -8.56
N GLY A 190 -27.21 -4.03 -9.02
CA GLY A 190 -27.42 -2.94 -8.05
C GLY A 190 -26.25 -2.78 -7.11
N GLN A 191 -25.00 -2.94 -7.55
CA GLN A 191 -23.86 -2.69 -6.68
C GLN A 191 -23.63 -1.23 -6.42
N GLY A 192 -22.98 -0.86 -5.31
CA GLY A 192 -22.69 0.57 -5.12
C GLY A 192 -21.40 0.78 -5.94
N VAL A 193 -21.13 1.99 -6.41
CA VAL A 193 -20.01 2.21 -7.31
C VAL A 193 -18.89 3.02 -6.66
N CYS A 194 -17.88 2.31 -6.17
CA CYS A 194 -16.82 2.86 -5.35
C CYS A 194 -15.45 3.08 -5.98
N CYS A 195 -14.77 4.10 -5.46
CA CYS A 195 -13.36 4.24 -5.83
C CYS A 195 -12.74 5.32 -4.95
N ASN A 196 -11.45 5.26 -4.78
CA ASN A 196 -10.66 6.22 -4.02
C ASN A 196 -11.03 7.62 -4.50
N GLU A 197 -11.00 8.59 -3.57
CA GLU A 197 -11.40 9.91 -4.00
C GLU A 197 -10.63 10.99 -3.28
N LEU A 198 -10.18 12.00 -3.96
CA LEU A 198 -9.43 13.10 -3.35
C LEU A 198 -10.20 14.42 -3.54
N ASP A 199 -10.84 14.97 -2.51
CA ASP A 199 -11.57 16.24 -2.63
C ASP A 199 -10.60 17.37 -2.35
N ILE A 200 -10.10 18.03 -3.39
CA ILE A 200 -9.14 19.12 -3.21
C ILE A 200 -9.87 20.34 -2.70
N TRP A 201 -11.06 20.53 -3.25
CA TRP A 201 -11.83 21.77 -3.01
C TRP A 201 -13.31 21.42 -2.99
N GLU A 202 -13.93 21.62 -1.87
CA GLU A 202 -15.38 21.50 -1.62
C GLU A 202 -15.71 22.76 -0.85
N ALA A 203 -16.49 23.64 -1.50
CA ALA A 203 -16.65 24.98 -0.99
C ALA A 203 -17.81 25.83 -1.48
N ASN A 204 -18.02 26.92 -0.73
CA ASN A 204 -18.94 27.95 -1.21
C ASN A 204 -18.30 29.25 -0.80
N SER A 205 -18.86 30.43 -0.87
CA SER A 205 -18.14 31.63 -0.41
C SER A 205 -18.08 31.74 1.12
N ARG A 206 -18.70 30.82 1.85
CA ARG A 206 -18.71 30.93 3.31
C ARG A 206 -17.72 30.01 3.98
N ALA A 207 -17.48 28.85 3.37
CA ALA A 207 -16.56 27.85 3.93
C ALA A 207 -15.93 26.99 2.83
N THR A 208 -14.74 26.47 3.09
CA THR A 208 -14.03 25.56 2.27
C THR A 208 -13.59 24.30 3.07
N HIS A 209 -13.45 23.22 2.38
CA HIS A 209 -13.08 21.93 2.89
C HIS A 209 -12.14 21.12 2.01
N ILE A 210 -11.24 20.36 2.59
CA ILE A 210 -10.33 19.47 1.90
C ILE A 210 -10.56 18.05 2.46
N ALA A 211 -10.58 17.02 1.65
CA ALA A 211 -10.68 15.69 2.21
C ALA A 211 -10.31 14.57 1.24
N PRO A 212 -9.24 13.87 1.59
CA PRO A 212 -8.85 12.60 1.01
C PRO A 212 -9.78 11.51 1.54
N HIS A 213 -10.22 10.61 0.66
CA HIS A 213 -11.06 9.49 0.96
C HIS A 213 -10.47 8.23 0.28
N PRO A 214 -9.70 7.46 1.03
CA PRO A 214 -9.19 6.19 0.62
C PRO A 214 -10.22 5.08 0.64
N CYS A 215 -10.00 4.09 -0.19
CA CYS A 215 -10.75 2.87 -0.30
C CYS A 215 -9.65 1.80 -0.28
N SER A 216 -9.99 0.64 0.23
CA SER A 216 -9.11 -0.50 0.27
C SER A 216 -9.09 -1.23 -1.06
N LYS A 217 -10.04 -1.07 -1.98
CA LYS A 217 -9.99 -1.67 -3.30
C LYS A 217 -9.53 -0.65 -4.34
N PRO A 218 -8.61 -1.08 -5.19
CA PRO A 218 -8.01 -0.25 -6.20
C PRO A 218 -8.89 -0.12 -7.43
N GLY A 219 -8.93 1.05 -8.01
CA GLY A 219 -9.75 1.23 -9.21
C GLY A 219 -11.24 1.30 -8.86
N LEU A 220 -12.11 1.01 -9.79
CA LEU A 220 -13.54 1.09 -9.62
C LEU A 220 -14.02 -0.28 -9.13
N TYR A 221 -14.71 -0.34 -8.01
CA TYR A 221 -15.15 -1.62 -7.50
C TYR A 221 -16.64 -1.57 -7.22
N GLY A 222 -17.41 -2.54 -7.65
CA GLY A 222 -18.85 -2.50 -7.38
C GLY A 222 -19.06 -3.22 -6.05
N CYS A 223 -19.52 -2.53 -5.02
CA CYS A 223 -19.72 -3.17 -3.73
C CYS A 223 -21.10 -3.79 -3.58
N THR A 224 -21.24 -4.76 -2.70
CA THR A 224 -22.44 -5.38 -2.25
C THR A 224 -22.52 -5.40 -0.71
N GLY A 225 -23.75 -5.43 -0.21
CA GLY A 225 -23.99 -5.53 1.22
C GLY A 225 -23.18 -4.52 2.01
N ASP A 226 -22.50 -4.98 3.04
CA ASP A 226 -21.76 -4.14 3.99
C ASP A 226 -20.50 -3.50 3.45
N GLU A 227 -20.01 -3.95 2.31
CA GLU A 227 -18.90 -3.37 1.60
C GLU A 227 -19.20 -1.90 1.26
N CYS A 228 -20.46 -1.61 0.91
CA CYS A 228 -20.87 -0.26 0.61
C CYS A 228 -21.10 0.63 1.81
N GLY A 229 -21.19 0.11 3.02
CA GLY A 229 -21.51 0.96 4.15
C GLY A 229 -20.28 1.54 4.81
N SER A 230 -20.53 2.26 5.90
CA SER A 230 -19.60 2.88 6.77
C SER A 230 -18.49 2.01 7.32
N SER A 231 -18.67 0.71 7.38
CA SER A 231 -17.64 -0.21 7.78
C SER A 231 -17.09 -0.98 6.58
N GLY A 232 -17.43 -0.48 5.39
CA GLY A 232 -16.99 -1.12 4.17
C GLY A 232 -15.60 -0.71 3.68
N ILE A 233 -15.53 -0.77 2.33
CA ILE A 233 -14.28 -0.60 1.61
C ILE A 233 -13.84 0.84 1.39
N CYS A 234 -14.71 1.81 1.62
CA CYS A 234 -14.33 3.17 1.37
C CYS A 234 -14.67 4.06 2.55
N ASP A 235 -13.85 5.08 2.75
CA ASP A 235 -14.05 6.08 3.76
C ASP A 235 -15.04 7.17 3.30
N LYS A 236 -16.29 7.07 3.65
CA LYS A 236 -17.30 8.06 3.34
C LYS A 236 -16.99 9.44 3.85
N ALA A 237 -16.62 9.55 5.11
CA ALA A 237 -16.32 10.84 5.73
C ALA A 237 -14.99 11.44 5.33
N GLY A 238 -13.96 10.67 5.01
CA GLY A 238 -12.68 11.30 4.67
C GLY A 238 -12.05 11.89 5.95
N CYS A 239 -10.80 12.35 5.82
CA CYS A 239 -10.05 13.08 6.79
C CYS A 239 -10.13 14.54 6.33
N GLY A 240 -10.86 15.39 7.02
CA GLY A 240 -11.14 16.74 6.69
C GLY A 240 -10.25 17.80 7.27
N TRP A 241 -10.16 18.87 6.49
CA TRP A 241 -9.54 20.10 6.84
C TRP A 241 -10.47 21.24 6.39
N ASN A 242 -10.99 21.92 7.40
CA ASN A 242 -11.82 23.12 7.23
C ASN A 242 -11.37 24.07 8.35
N HIS A 243 -10.71 25.17 8.05
CA HIS A 243 -10.23 26.07 9.07
C HIS A 243 -11.24 26.35 10.20
N ASN A 244 -12.54 26.53 9.90
CA ASN A 244 -13.53 26.73 10.94
C ASN A 244 -13.52 25.54 11.90
N ARG A 245 -13.43 24.28 11.48
CA ARG A 245 -13.39 23.18 12.43
C ARG A 245 -12.15 23.18 13.33
N ILE A 246 -11.04 23.82 12.98
CA ILE A 246 -9.90 23.79 13.89
C ILE A 246 -9.75 25.16 14.56
N ASN A 247 -10.85 25.90 14.59
CA ASN A 247 -10.99 27.15 15.28
C ASN A 247 -10.14 28.30 14.79
N VAL A 248 -10.21 28.53 13.46
CA VAL A 248 -9.53 29.65 12.83
C VAL A 248 -10.59 30.22 11.89
N THR A 249 -11.56 30.89 12.52
CA THR A 249 -12.78 31.32 11.86
C THR A 249 -12.61 32.60 11.06
N ASP A 250 -11.48 33.28 11.11
CA ASP A 250 -11.32 34.44 10.22
C ASP A 250 -10.40 34.13 9.05
N PHE A 251 -10.19 32.85 8.74
CA PHE A 251 -9.25 32.53 7.66
C PHE A 251 -9.88 32.78 6.28
N TYR A 252 -11.10 32.28 6.08
CA TYR A 252 -11.66 32.37 4.72
C TYR A 252 -13.09 32.84 4.76
N GLY A 253 -13.49 33.81 3.94
CA GLY A 253 -14.92 34.17 3.99
C GLY A 253 -15.13 35.46 3.18
N ARG A 254 -16.35 35.97 3.23
CA ARG A 254 -16.73 37.10 2.42
C ARG A 254 -16.21 38.42 2.96
N GLY A 255 -15.32 39.11 2.27
CA GLY A 255 -14.81 40.40 2.62
C GLY A 255 -13.42 40.53 3.16
N LYS A 256 -12.97 41.76 3.37
CA LYS A 256 -11.65 42.12 3.81
C LYS A 256 -11.28 41.77 5.24
N GLN A 257 -12.20 41.40 6.09
CA GLN A 257 -11.94 40.89 7.42
C GLN A 257 -11.43 39.44 7.40
N TYR A 258 -11.39 38.77 6.25
CA TYR A 258 -10.92 37.40 6.19
C TYR A 258 -9.54 37.34 5.55
N LYS A 259 -8.77 36.32 5.90
CA LYS A 259 -7.42 36.26 5.32
C LYS A 259 -7.49 36.06 3.83
N VAL A 260 -8.41 35.21 3.41
CA VAL A 260 -8.68 34.90 2.04
C VAL A 260 -10.14 35.33 1.77
N ASP A 261 -10.28 36.35 0.96
CA ASP A 261 -11.55 36.95 0.66
C ASP A 261 -12.22 36.24 -0.51
N SER A 262 -13.30 35.51 -0.18
CA SER A 262 -14.01 34.74 -1.17
C SER A 262 -14.85 35.55 -2.16
N THR A 263 -14.92 36.87 -1.96
CA THR A 263 -15.73 37.60 -2.96
C THR A 263 -14.85 37.95 -4.17
N ARG A 264 -13.53 37.86 -4.09
CA ARG A 264 -12.62 38.10 -5.18
C ARG A 264 -11.83 36.85 -5.58
N LYS A 265 -11.34 36.84 -6.82
CA LYS A 265 -10.59 35.71 -7.34
C LYS A 265 -9.35 35.41 -6.47
N PHE A 266 -8.99 34.14 -6.40
CA PHE A 266 -7.73 33.84 -5.72
C PHE A 266 -7.24 32.49 -6.28
N THR A 267 -5.98 32.20 -6.03
CA THR A 267 -5.31 30.99 -6.45
C THR A 267 -5.22 30.02 -5.25
N VAL A 268 -5.50 28.77 -5.47
CA VAL A 268 -5.39 27.65 -4.57
C VAL A 268 -4.21 26.75 -4.99
N THR A 269 -3.15 26.63 -4.21
CA THR A 269 -2.03 25.73 -4.50
C THR A 269 -1.95 24.56 -3.51
N SER A 270 -2.05 23.31 -3.96
CA SER A 270 -1.98 22.13 -3.15
C SER A 270 -0.72 21.32 -3.52
N GLN A 271 0.03 20.85 -2.50
CA GLN A 271 1.29 20.15 -2.70
C GLN A 271 1.19 18.80 -2.01
N PHE A 272 1.34 17.71 -2.70
CA PHE A 272 1.24 16.38 -2.14
C PHE A 272 2.63 15.82 -1.92
N VAL A 273 3.18 16.05 -0.73
CA VAL A 273 4.52 15.66 -0.38
C VAL A 273 4.73 14.18 -0.17
N ALA A 274 5.76 13.61 -0.81
CA ALA A 274 6.05 12.17 -0.72
C ALA A 274 7.37 11.93 0.02
N ASN A 275 7.48 10.80 0.72
CA ASN A 275 8.76 10.52 1.40
C ASN A 275 9.71 9.92 0.38
N LYS A 276 10.85 9.43 0.85
CA LYS A 276 11.88 8.87 -0.01
C LYS A 276 11.49 7.57 -0.68
N GLN A 277 10.62 6.76 -0.11
CA GLN A 277 10.15 5.54 -0.76
C GLN A 277 9.03 5.88 -1.74
N GLY A 278 8.62 7.14 -1.93
CA GLY A 278 7.54 7.44 -2.85
C GLY A 278 6.15 7.36 -2.26
N ASP A 279 5.95 7.16 -0.96
CA ASP A 279 4.59 7.14 -0.40
C ASP A 279 4.15 8.58 -0.12
N LEU A 280 2.86 8.79 -0.25
CA LEU A 280 2.34 10.12 0.08
C LEU A 280 2.44 10.32 1.58
N ILE A 281 2.99 11.41 2.12
CA ILE A 281 2.94 11.51 3.59
C ILE A 281 2.17 12.75 4.03
N GLU A 282 2.20 13.85 3.26
CA GLU A 282 1.46 15.03 3.69
C GLU A 282 0.80 15.81 2.57
N LEU A 283 -0.32 16.47 2.91
CA LEU A 283 -1.05 17.31 2.01
C LEU A 283 -0.98 18.74 2.52
N HIS A 284 -0.36 19.67 1.80
CA HIS A 284 -0.21 21.05 2.13
C HIS A 284 -1.04 21.91 1.15
N ARG A 285 -1.31 23.14 1.62
CA ARG A 285 -2.19 24.03 0.91
C ARG A 285 -1.76 25.44 1.25
N HIS A 286 -1.79 26.32 0.28
CA HIS A 286 -1.53 27.73 0.50
C HIS A 286 -2.33 28.47 -0.58
N TYR A 287 -2.49 29.79 -0.40
CA TYR A 287 -3.35 30.57 -1.25
C TYR A 287 -2.63 31.81 -1.74
N ILE A 288 -3.00 32.29 -2.93
CA ILE A 288 -2.40 33.54 -3.40
C ILE A 288 -3.56 34.46 -3.77
N GLN A 289 -3.55 35.67 -3.24
CA GLN A 289 -4.57 36.68 -3.46
C GLN A 289 -3.87 38.03 -3.34
N ASP A 290 -4.12 38.92 -4.28
CA ASP A 290 -3.46 40.23 -4.29
C ASP A 290 -1.96 40.09 -4.26
N ASN A 291 -1.38 39.11 -4.92
CA ASN A 291 0.06 38.94 -4.99
C ASN A 291 0.73 38.62 -3.67
N LYS A 292 0.02 38.03 -2.72
CA LYS A 292 0.64 37.65 -1.47
C LYS A 292 0.37 36.16 -1.24
N VAL A 293 1.37 35.48 -0.72
CA VAL A 293 1.17 34.09 -0.33
C VAL A 293 0.42 34.11 1.02
N ILE A 294 -0.64 33.36 1.13
CA ILE A 294 -1.42 33.24 2.35
C ILE A 294 -1.33 31.78 2.74
N GLU A 295 -0.51 31.56 3.77
CA GLU A 295 -0.24 30.22 4.30
C GLU A 295 -1.38 29.65 5.10
N SER A 296 -1.64 28.36 5.11
CA SER A 296 -2.70 27.83 5.94
C SER A 296 -2.37 28.05 7.43
N ALA A 297 -3.43 28.15 8.24
CA ALA A 297 -3.19 28.38 9.66
C ALA A 297 -3.00 27.06 10.40
N VAL A 298 -2.23 27.12 11.47
CA VAL A 298 -1.92 25.97 12.32
C VAL A 298 -3.18 25.62 13.10
N VAL A 299 -3.48 24.38 13.35
CA VAL A 299 -4.59 23.95 14.19
C VAL A 299 -4.63 24.82 15.45
N ASN A 300 -5.83 25.25 15.84
CA ASN A 300 -6.06 26.15 16.94
C ASN A 300 -7.06 25.62 17.96
N ILE A 301 -7.15 24.32 18.12
CA ILE A 301 -7.89 23.60 19.12
C ILE A 301 -6.90 22.67 19.86
N SER A 302 -7.28 22.14 21.01
CA SER A 302 -6.45 21.22 21.78
C SER A 302 -6.57 19.79 21.26
N GLY A 303 -5.49 19.02 21.12
CA GLY A 303 -5.70 17.66 20.61
C GLY A 303 -4.73 17.32 19.50
N PRO A 304 -5.03 17.81 18.31
CA PRO A 304 -4.24 17.51 17.11
C PRO A 304 -2.90 18.19 17.20
N PRO A 305 -1.92 17.69 16.48
CA PRO A 305 -0.57 18.26 16.41
C PRO A 305 -0.74 19.68 15.89
N LYS A 306 0.17 20.54 16.32
CA LYS A 306 0.11 21.95 15.96
C LYS A 306 0.76 22.22 14.61
N ILE A 307 0.05 21.80 13.56
CA ILE A 307 0.59 21.91 12.21
C ILE A 307 -0.45 22.53 11.29
N ASN A 308 -0.08 22.78 10.05
CA ASN A 308 -0.98 23.42 9.09
C ASN A 308 -1.20 22.56 7.84
N PHE A 309 -0.97 21.26 7.96
CA PHE A 309 -1.14 20.37 6.84
C PHE A 309 -1.72 19.03 7.29
N ILE A 310 -2.18 18.25 6.30
CA ILE A 310 -2.78 16.97 6.66
C ILE A 310 -1.69 15.90 6.69
N ASN A 311 -1.78 15.03 7.69
CA ASN A 311 -0.94 13.84 7.83
C ASN A 311 -1.76 12.84 8.68
N ASP A 312 -1.19 11.65 8.82
CA ASP A 312 -1.85 10.57 9.53
C ASP A 312 -2.10 10.91 10.99
N LYS A 313 -1.18 11.61 11.60
CA LYS A 313 -1.35 12.02 12.99
C LYS A 313 -2.46 13.03 13.20
N TYR A 314 -2.59 14.00 12.30
CA TYR A 314 -3.68 14.95 12.33
C TYR A 314 -4.98 14.19 12.10
N CYS A 315 -5.01 13.22 11.20
CA CYS A 315 -6.27 12.52 10.95
C CYS A 315 -6.71 11.69 12.15
N ALA A 316 -5.77 11.02 12.82
CA ALA A 316 -6.12 10.14 13.95
C ALA A 316 -6.61 11.01 15.10
N ALA A 317 -5.95 12.11 15.36
CA ALA A 317 -6.35 13.03 16.41
C ALA A 317 -7.69 13.72 16.17
N THR A 318 -8.22 13.85 14.95
CA THR A 318 -9.44 14.59 14.74
C THR A 318 -10.53 13.59 14.43
N GLY A 319 -10.33 12.33 14.81
CA GLY A 319 -11.36 11.34 14.64
C GLY A 319 -11.60 10.78 13.28
N ALA A 320 -10.65 10.84 12.32
CA ALA A 320 -10.96 10.14 11.03
C ALA A 320 -10.62 8.67 11.18
N ASN A 321 -11.51 7.90 11.80
CA ASN A 321 -11.23 6.51 12.09
C ASN A 321 -11.32 5.56 10.92
N GLU A 322 -12.22 5.76 9.97
CA GLU A 322 -12.28 4.87 8.83
C GLU A 322 -11.10 5.14 7.94
N TYR A 323 -10.63 6.36 7.82
CA TYR A 323 -9.46 6.75 7.08
C TYR A 323 -8.25 5.94 7.55
N MET A 324 -7.94 5.93 8.86
CA MET A 324 -6.88 5.13 9.43
C MET A 324 -7.10 3.63 9.23
N ARG A 325 -8.29 3.10 9.41
CA ARG A 325 -8.52 1.67 9.22
C ARG A 325 -8.29 1.26 7.78
N LEU A 326 -8.63 2.17 6.84
CA LEU A 326 -8.46 1.75 5.44
C LEU A 326 -7.05 2.08 4.98
N GLY A 327 -6.10 2.55 5.78
CA GLY A 327 -4.74 2.67 5.31
C GLY A 327 -4.26 4.11 5.37
N GLY A 328 -5.16 5.04 5.67
CA GLY A 328 -4.71 6.43 5.76
C GLY A 328 -4.04 7.05 4.55
N THR A 329 -3.15 8.00 4.78
CA THR A 329 -2.46 8.77 3.76
C THR A 329 -1.66 7.97 2.76
N LYS A 330 -0.97 6.90 3.13
CA LYS A 330 -0.34 5.98 2.20
C LYS A 330 -1.34 5.41 1.21
N GLN A 331 -2.48 4.93 1.69
CA GLN A 331 -3.48 4.32 0.80
C GLN A 331 -4.00 5.32 -0.25
N MET A 332 -4.29 6.57 0.14
CA MET A 332 -4.76 7.59 -0.76
C MET A 332 -3.68 7.86 -1.79
N GLY A 333 -2.41 7.93 -1.35
CA GLY A 333 -1.21 8.15 -2.13
C GLY A 333 -1.04 7.08 -3.20
N ASP A 334 -1.37 5.83 -2.89
CA ASP A 334 -1.28 4.79 -3.92
C ASP A 334 -2.21 5.03 -5.09
N ALA A 335 -3.44 5.52 -4.81
CA ALA A 335 -4.45 5.69 -5.82
C ALA A 335 -3.97 6.83 -6.72
N MET A 336 -3.52 7.88 -6.06
CA MET A 336 -2.98 9.10 -6.65
C MET A 336 -1.74 8.77 -7.46
N SER A 337 -0.95 7.77 -7.12
CA SER A 337 0.18 7.32 -7.95
C SER A 337 -0.32 6.47 -9.09
N ARG A 338 -1.34 5.63 -8.96
CA ARG A 338 -1.79 4.91 -10.14
C ARG A 338 -2.37 5.89 -11.16
N GLY A 339 -2.91 7.05 -10.75
CA GLY A 339 -3.54 8.00 -11.67
C GLY A 339 -5.04 8.11 -11.43
N MET A 340 -5.54 9.33 -11.43
CA MET A 340 -6.95 9.65 -11.18
C MET A 340 -7.53 10.66 -12.16
N VAL A 341 -8.85 10.71 -12.28
CA VAL A 341 -9.58 11.62 -13.16
C VAL A 341 -10.04 12.88 -12.43
N LEU A 342 -9.84 14.03 -13.08
CA LEU A 342 -10.27 15.30 -12.54
C LEU A 342 -11.76 15.56 -12.80
N ALA A 343 -12.49 15.87 -11.74
CA ALA A 343 -13.91 16.16 -11.82
C ALA A 343 -14.22 17.52 -11.25
N MET A 344 -15.07 18.27 -11.92
CA MET A 344 -15.54 19.58 -11.48
C MET A 344 -17.06 19.58 -11.46
N SER A 345 -17.64 20.18 -10.41
CA SER A 345 -19.11 20.19 -10.37
C SER A 345 -19.62 21.31 -9.45
N VAL A 346 -20.91 21.61 -9.54
CA VAL A 346 -21.62 22.53 -8.72
C VAL A 346 -22.93 21.77 -8.30
N TRP A 347 -23.22 21.88 -7.01
CA TRP A 347 -24.48 21.29 -6.55
C TRP A 347 -24.91 21.91 -5.19
N TRP A 348 -26.14 21.56 -4.85
CA TRP A 348 -26.78 21.90 -3.61
C TRP A 348 -27.36 20.57 -3.09
N SER A 349 -27.92 20.63 -1.89
CA SER A 349 -28.50 19.42 -1.32
C SER A 349 -29.78 19.65 -0.52
N GLU A 350 -30.84 19.10 -1.04
CA GLU A 350 -32.14 19.11 -0.39
C GLU A 350 -32.17 18.34 0.93
N GLY A 351 -31.40 17.28 1.09
CA GLY A 351 -31.41 16.47 2.28
C GLY A 351 -30.70 17.10 3.47
N ASP A 352 -29.53 17.72 3.28
CA ASP A 352 -28.90 18.26 4.50
C ASP A 352 -28.44 19.67 4.35
N PHE A 353 -28.70 20.30 3.21
CA PHE A 353 -28.35 21.67 2.92
C PHE A 353 -26.85 21.95 3.05
N MET A 354 -26.02 20.92 2.82
CA MET A 354 -24.58 21.08 2.89
C MET A 354 -24.15 21.46 4.30
N ALA A 355 -24.84 20.98 5.34
CA ALA A 355 -24.61 21.36 6.73
C ALA A 355 -23.18 21.12 7.18
N TRP A 356 -22.66 19.96 6.80
CA TRP A 356 -21.29 19.55 7.11
C TRP A 356 -20.22 20.47 6.61
N LEU A 357 -20.51 21.28 5.59
CA LEU A 357 -19.55 22.17 5.01
C LEU A 357 -19.58 23.56 5.62
N ASP A 358 -20.74 24.14 5.91
CA ASP A 358 -20.83 25.54 6.30
C ASP A 358 -21.69 25.95 7.50
N GLN A 359 -22.27 25.03 8.24
CA GLN A 359 -23.03 25.21 9.46
C GLN A 359 -22.29 24.76 10.74
N GLY A 360 -22.54 25.48 11.84
CA GLY A 360 -22.03 25.22 13.15
C GLY A 360 -20.54 25.38 13.34
N VAL A 361 -19.87 24.25 13.62
CA VAL A 361 -18.41 24.27 13.69
C VAL A 361 -17.78 24.46 12.30
N ALA A 362 -18.48 24.04 11.24
CA ALA A 362 -17.95 24.13 9.88
C ALA A 362 -18.07 25.51 9.26
N GLY A 363 -18.93 26.42 9.70
CA GLY A 363 -18.98 27.77 9.16
C GLY A 363 -20.03 28.66 9.80
N PRO A 364 -20.41 29.74 9.14
CA PRO A 364 -21.31 30.75 9.68
C PRO A 364 -22.74 30.69 9.20
N CYS A 365 -23.19 29.62 8.60
CA CYS A 365 -24.51 29.58 7.99
C CYS A 365 -25.57 29.16 8.99
N ASP A 366 -26.76 29.76 8.94
CA ASP A 366 -27.75 29.30 9.93
C ASP A 366 -28.26 27.97 9.44
N ALA A 367 -29.33 27.41 9.98
CA ALA A 367 -29.74 26.07 9.58
C ALA A 367 -30.72 26.05 8.45
N THR A 368 -31.15 27.21 7.94
CA THR A 368 -32.14 27.11 6.87
C THR A 368 -31.73 27.91 5.66
N GLU A 369 -30.81 28.85 5.79
CA GLU A 369 -30.49 29.68 4.62
C GLU A 369 -29.87 28.91 3.46
N GLY A 370 -29.31 27.73 3.67
CA GLY A 370 -28.80 26.82 2.68
C GLY A 370 -29.83 25.93 2.03
N ASP A 371 -31.09 26.07 2.42
CA ASP A 371 -32.16 25.35 1.74
C ASP A 371 -32.20 25.86 0.29
N PRO A 372 -32.26 25.01 -0.70
CA PRO A 372 -32.39 25.31 -2.11
C PRO A 372 -33.44 26.39 -2.35
N LYS A 373 -34.58 26.37 -1.67
CA LYS A 373 -35.59 27.40 -1.83
C LYS A 373 -35.08 28.71 -1.27
N ASN A 374 -34.20 28.79 -0.30
CA ASN A 374 -33.73 30.10 0.15
C ASN A 374 -32.49 30.54 -0.58
N ILE A 375 -31.71 29.57 -1.10
CA ILE A 375 -30.49 29.97 -1.81
C ILE A 375 -30.83 30.93 -2.98
N VAL A 376 -31.89 30.70 -3.73
CA VAL A 376 -32.21 31.50 -4.91
C VAL A 376 -32.65 32.89 -4.49
N LYS A 377 -33.13 33.06 -3.26
CA LYS A 377 -33.48 34.41 -2.81
C LYS A 377 -32.23 35.19 -2.47
N VAL A 378 -31.07 34.57 -2.36
CA VAL A 378 -29.85 35.28 -2.03
C VAL A 378 -29.08 35.43 -3.34
N GLN A 379 -29.05 34.33 -4.09
CA GLN A 379 -28.33 34.35 -5.38
C GLN A 379 -29.18 33.56 -6.34
N PRO A 380 -29.87 34.29 -7.21
CA PRO A 380 -30.80 33.68 -8.16
C PRO A 380 -30.11 32.73 -9.10
N ASN A 381 -28.82 32.93 -9.46
CA ASN A 381 -28.12 32.05 -10.40
C ASN A 381 -26.75 31.67 -9.89
N PRO A 382 -26.72 30.76 -8.92
CA PRO A 382 -25.49 30.31 -8.29
C PRO A 382 -24.60 29.71 -9.39
N GLU A 383 -23.31 30.01 -9.37
CA GLU A 383 -22.36 29.47 -10.31
C GLU A 383 -20.92 29.59 -9.78
N VAL A 384 -20.02 28.87 -10.42
CA VAL A 384 -18.59 28.92 -10.10
C VAL A 384 -17.75 28.87 -11.38
N THR A 385 -16.64 29.61 -11.36
CA THR A 385 -15.68 29.58 -12.43
C THR A 385 -14.34 29.11 -11.88
N PHE A 386 -13.89 28.01 -12.49
CA PHE A 386 -12.57 27.44 -12.21
C PHE A 386 -11.68 27.82 -13.40
N SER A 387 -10.42 28.18 -13.23
CA SER A 387 -9.60 28.50 -14.37
C SER A 387 -8.11 28.32 -14.09
N ASN A 388 -7.28 28.48 -15.12
CA ASN A 388 -5.83 28.45 -14.94
C ASN A 388 -5.33 27.23 -14.18
N ILE A 389 -5.72 26.04 -14.60
CA ILE A 389 -5.35 24.77 -13.98
C ILE A 389 -3.94 24.39 -14.38
N ARG A 390 -3.04 24.32 -13.38
CA ARG A 390 -1.63 24.08 -13.57
C ARG A 390 -1.20 22.91 -12.70
N ILE A 391 -0.56 21.96 -13.32
CA ILE A 391 -0.10 20.71 -12.77
C ILE A 391 1.39 20.58 -13.00
N GLY A 392 2.17 20.26 -11.98
CA GLY A 392 3.60 20.18 -12.18
C GLY A 392 4.40 19.87 -10.93
N GLU A 393 5.68 20.26 -11.01
CA GLU A 393 6.54 20.05 -9.87
C GLU A 393 6.18 21.00 -8.72
N ILE A 394 6.50 20.51 -7.54
CA ILE A 394 6.39 21.32 -6.32
C ILE A 394 7.19 22.58 -6.50
N GLY A 395 6.62 23.75 -6.26
CA GLY A 395 7.35 25.00 -6.42
C GLY A 395 7.15 25.61 -7.81
N SER A 396 6.49 24.88 -8.72
CA SER A 396 6.40 25.48 -10.06
C SER A 396 5.04 25.91 -10.55
N THR A 397 3.93 25.52 -9.93
CA THR A 397 2.63 25.86 -10.53
C THR A 397 2.06 27.21 -10.18
N SER A 398 2.62 28.05 -9.33
CA SER A 398 2.06 29.34 -8.94
C SER A 398 3.21 30.21 -8.42
N SER A 399 3.05 31.48 -8.25
CA SER A 399 4.12 32.31 -7.73
C SER A 399 3.66 33.75 -7.50
N VAL A 400 4.51 34.47 -6.80
CA VAL A 400 4.25 35.84 -6.40
C VAL A 400 5.39 36.76 -6.84
N PCA B 1 4.06 -29.20 -7.43
CA PCA B 1 3.15 -28.72 -8.47
CB PCA B 1 2.46 -27.46 -7.91
CG PCA B 1 3.59 -26.88 -7.05
CD PCA B 1 4.55 -28.08 -6.83
OE PCA B 1 5.35 -28.08 -5.86
C PCA B 1 3.97 -28.40 -9.72
O PCA B 1 5.10 -27.80 -9.80
N THR B 2 3.29 -28.20 -10.91
CA THR B 2 3.55 -27.76 -12.36
C THR B 2 3.22 -26.31 -12.54
N PRO B 3 4.23 -25.51 -12.78
CA PRO B 3 4.08 -24.09 -13.09
C PRO B 3 3.29 -23.93 -14.42
N ASP B 4 2.44 -22.92 -14.46
CA ASP B 4 1.64 -22.62 -15.64
C ASP B 4 2.58 -21.87 -16.58
N LYS B 5 2.06 -21.13 -17.54
CA LYS B 5 2.96 -20.47 -18.50
C LYS B 5 3.03 -18.97 -18.30
N ALA B 6 2.41 -18.45 -17.23
CA ALA B 6 2.50 -16.99 -17.04
C ALA B 6 3.98 -16.68 -16.88
N LYS B 7 4.40 -15.48 -17.18
CA LYS B 7 5.83 -15.17 -17.09
C LYS B 7 6.18 -14.76 -15.67
N GLU B 8 7.30 -15.25 -15.15
CA GLU B 8 7.71 -14.86 -13.82
C GLU B 8 8.56 -13.61 -13.92
N GLN B 9 8.25 -12.53 -13.19
CA GLN B 9 9.14 -11.38 -13.29
C GLN B 9 9.78 -11.08 -11.94
N HIS B 10 10.84 -11.81 -11.65
CA HIS B 10 11.54 -11.67 -10.40
C HIS B 10 12.11 -10.28 -10.19
N PRO B 11 11.80 -9.64 -9.09
CA PRO B 11 12.38 -8.35 -8.74
C PRO B 11 13.90 -8.56 -8.62
N LYS B 12 14.75 -7.68 -9.07
CA LYS B 12 16.17 -7.66 -9.06
C LYS B 12 16.59 -7.09 -7.70
N LEU B 13 17.72 -7.58 -7.18
CA LEU B 13 18.26 -6.93 -5.99
C LEU B 13 19.80 -6.87 -6.16
N GLU B 14 20.36 -5.71 -6.03
CA GLU B 14 21.80 -5.56 -6.07
C GLU B 14 22.38 -5.84 -4.69
N THR B 15 23.38 -6.73 -4.65
CA THR B 15 24.11 -7.14 -3.45
C THR B 15 25.61 -7.03 -3.72
N TYR B 16 26.43 -7.16 -2.68
CA TYR B 16 27.85 -6.91 -2.76
C TYR B 16 28.63 -8.10 -2.21
N ARG B 17 29.85 -8.30 -2.74
CA ARG B 17 30.81 -9.28 -2.32
C ARG B 17 32.07 -8.48 -1.98
N CYS B 18 32.63 -8.65 -0.79
CA CYS B 18 33.71 -7.77 -0.38
C CYS B 18 34.95 -8.55 0.01
N THR B 19 36.14 -7.95 -0.13
CA THR B 19 37.35 -8.55 0.39
C THR B 19 38.13 -7.42 1.07
N LYS B 20 39.05 -7.75 1.94
CA LYS B 20 39.84 -6.67 2.53
C LYS B 20 40.65 -5.97 1.43
N ALA B 21 41.28 -6.71 0.51
CA ALA B 21 42.15 -6.12 -0.48
C ALA B 21 41.48 -5.29 -1.55
N SER B 22 40.29 -5.70 -2.04
CA SER B 22 39.73 -4.88 -3.11
C SER B 22 38.34 -4.31 -2.89
N GLY B 23 37.87 -4.22 -1.64
CA GLY B 23 36.59 -3.61 -1.38
C GLY B 23 35.42 -4.49 -1.79
N CYS B 24 34.28 -3.82 -1.87
CA CYS B 24 33.00 -4.44 -2.16
C CYS B 24 32.67 -4.24 -3.63
N LYS B 25 32.32 -5.35 -4.26
CA LYS B 25 31.93 -5.43 -5.66
C LYS B 25 30.43 -5.61 -5.76
N LYS B 26 29.77 -4.81 -6.55
CA LYS B 26 28.33 -4.95 -6.73
C LYS B 26 27.96 -6.07 -7.68
N GLN B 27 26.92 -6.85 -7.41
CA GLN B 27 26.49 -7.89 -8.33
C GLN B 27 24.95 -7.86 -8.40
N THR B 28 24.45 -8.64 -9.34
CA THR B 28 23.05 -8.75 -9.53
C THR B 28 22.44 -10.03 -9.00
N ASN B 29 21.42 -9.94 -8.16
CA ASN B 29 20.73 -11.14 -7.71
C ASN B 29 19.24 -10.87 -7.97
N TYR B 30 18.44 -11.88 -7.85
CA TYR B 30 17.01 -11.82 -8.01
C TYR B 30 16.35 -12.35 -6.73
N ILE B 31 15.12 -11.93 -6.48
CA ILE B 31 14.30 -12.34 -5.34
C ILE B 31 13.24 -13.24 -5.90
N VAL B 32 12.83 -14.27 -5.20
CA VAL B 32 11.72 -15.10 -5.60
C VAL B 32 10.82 -15.29 -4.36
N ALA B 33 9.52 -15.17 -4.58
CA ALA B 33 8.55 -15.42 -3.51
C ALA B 33 8.44 -16.92 -3.25
N ASP B 34 8.05 -17.27 -2.02
CA ASP B 34 7.87 -18.68 -1.72
C ASP B 34 6.87 -19.28 -2.73
N ALA B 35 7.13 -20.58 -3.04
CA ALA B 35 6.22 -21.30 -3.91
C ALA B 35 4.76 -21.08 -3.50
N GLY B 36 4.38 -21.23 -2.24
CA GLY B 36 3.04 -21.08 -1.74
C GLY B 36 2.37 -19.73 -1.99
N ILE B 37 3.10 -18.66 -2.04
CA ILE B 37 2.65 -17.31 -2.31
C ILE B 37 2.25 -17.17 -3.76
N HIS B 38 2.82 -18.01 -4.63
CA HIS B 38 2.57 -17.92 -6.05
C HIS B 38 1.13 -18.39 -6.25
N GLY B 39 0.63 -19.28 -5.41
CA GLY B 39 -0.76 -19.73 -5.69
C GLY B 39 -0.68 -21.08 -6.39
N ILE B 40 -1.10 -22.10 -5.70
CA ILE B 40 -1.11 -23.47 -6.15
C ILE B 40 -2.57 -23.92 -6.16
N ARG B 41 -3.05 -24.16 -7.39
CA ARG B 41 -4.48 -24.46 -7.50
C ARG B 41 -4.76 -25.58 -8.47
N GLN B 42 -5.86 -26.29 -8.26
CA GLN B 42 -6.21 -27.28 -9.31
C GLN B 42 -6.85 -26.48 -10.46
N LYS B 43 -7.31 -27.16 -11.49
CA LYS B 43 -7.98 -26.54 -12.61
C LYS B 43 -9.33 -25.90 -12.29
N ASN B 44 -10.09 -26.43 -11.36
CA ASN B 44 -11.39 -25.96 -10.94
C ASN B 44 -11.33 -24.84 -9.93
N GLY B 45 -10.12 -24.42 -9.54
CA GLY B 45 -9.91 -23.37 -8.58
C GLY B 45 -9.67 -23.84 -7.16
N ALA B 46 -10.01 -25.07 -6.79
CA ALA B 46 -9.79 -25.61 -5.46
C ALA B 46 -8.28 -25.64 -5.18
N GLY B 47 -7.92 -25.48 -3.92
CA GLY B 47 -6.49 -25.40 -3.58
C GLY B 47 -5.96 -26.83 -3.49
N CYS B 48 -4.65 -26.94 -3.26
CA CYS B 48 -4.11 -28.32 -3.11
C CYS B 48 -3.72 -28.66 -1.68
N GLY B 49 -3.94 -27.80 -0.68
CA GLY B 49 -3.60 -28.15 0.71
C GLY B 49 -3.17 -26.92 1.48
N ASP B 50 -3.43 -26.92 2.78
CA ASP B 50 -3.07 -25.74 3.58
C ASP B 50 -1.86 -26.09 4.44
N TRP B 51 -1.13 -25.06 4.81
CA TRP B 51 0.04 -25.27 5.69
C TRP B 51 -0.39 -26.09 6.90
N GLY B 52 0.43 -27.07 7.26
CA GLY B 52 0.11 -27.93 8.41
C GLY B 52 -0.46 -29.24 7.94
N GLN B 53 -0.80 -29.37 6.65
CA GLN B 53 -1.39 -30.60 6.19
C GLN B 53 -0.85 -31.28 4.94
N LYS B 54 -1.21 -32.54 4.80
CA LYS B 54 -0.95 -33.32 3.60
C LYS B 54 -1.74 -32.60 2.49
N PRO B 55 -1.37 -32.72 1.24
CA PRO B 55 -2.10 -32.13 0.13
C PRO B 55 -3.43 -32.83 -0.08
N ASN B 56 -4.40 -32.12 -0.64
CA ASN B 56 -5.71 -32.63 -0.97
C ASN B 56 -5.63 -34.08 -1.46
N ALA B 57 -6.23 -35.01 -0.74
CA ALA B 57 -6.17 -36.41 -1.15
C ALA B 57 -6.88 -36.69 -2.46
N THR B 58 -7.91 -35.98 -2.89
CA THR B 58 -8.46 -36.30 -4.21
C THR B 58 -7.51 -35.82 -5.31
N ALA B 59 -6.91 -34.65 -5.17
CA ALA B 59 -5.98 -34.15 -6.15
C ALA B 59 -4.67 -34.91 -6.06
N CYS B 60 -4.28 -35.39 -4.87
CA CYS B 60 -2.94 -35.94 -4.76
C CYS B 60 -2.88 -37.29 -4.10
N PRO B 61 -3.34 -38.31 -4.80
CA PRO B 61 -3.35 -39.68 -4.32
C PRO B 61 -1.93 -40.24 -4.36
N ASP B 62 -1.15 -39.70 -5.28
CA ASP B 62 0.24 -40.07 -5.39
C ASP B 62 0.94 -38.85 -5.98
N GLU B 63 2.23 -38.95 -5.95
CA GLU B 63 3.12 -37.89 -6.33
C GLU B 63 2.97 -37.41 -7.75
N ALA B 64 2.69 -38.39 -8.61
CA ALA B 64 2.61 -38.09 -10.05
C ALA B 64 1.32 -37.36 -10.34
N SER B 65 0.24 -37.77 -9.69
CA SER B 65 -1.05 -37.11 -9.88
C SER B 65 -0.95 -35.70 -9.36
N CYS B 66 -0.36 -35.57 -8.16
CA CYS B 66 -0.20 -34.29 -7.53
C CYS B 66 0.45 -33.30 -8.48
N ALA B 67 1.55 -33.72 -9.11
CA ALA B 67 2.28 -32.80 -9.99
C ALA B 67 1.43 -32.30 -11.16
N LYS B 68 0.64 -33.22 -11.73
CA LYS B 68 -0.24 -32.84 -12.82
C LYS B 68 -1.43 -32.02 -12.31
N ASN B 69 -2.03 -32.36 -11.19
CA ASN B 69 -3.24 -31.66 -10.79
C ASN B 69 -3.01 -30.30 -10.11
N CYS B 70 -1.91 -30.08 -9.42
CA CYS B 70 -1.70 -28.82 -8.72
C CYS B 70 -0.90 -27.84 -9.55
N ILE B 71 -1.49 -26.70 -9.92
CA ILE B 71 -0.78 -25.79 -10.82
C ILE B 71 -0.29 -24.59 -10.03
N LEU B 72 0.93 -24.19 -10.27
CA LEU B 72 1.58 -23.05 -9.65
C LEU B 72 1.51 -21.88 -10.62
N SER B 73 1.03 -20.70 -10.26
CA SER B 73 0.94 -19.57 -11.18
C SER B 73 2.19 -18.69 -11.18
N GLY B 74 2.70 -18.36 -12.34
CA GLY B 74 3.85 -17.46 -12.41
C GLY B 74 3.38 -16.12 -11.85
N MET B 75 4.34 -15.33 -11.41
CA MET B 75 4.08 -14.03 -10.83
C MET B 75 4.82 -12.96 -11.64
N ASP B 76 3.96 -12.09 -12.21
CA ASP B 76 4.57 -10.97 -12.95
C ASP B 76 4.89 -9.87 -11.95
N SER B 77 5.47 -8.74 -12.35
CA SER B 77 5.84 -7.72 -11.41
C SER B 77 4.64 -7.14 -10.69
N ASN B 78 3.43 -7.09 -11.26
CA ASN B 78 2.30 -6.60 -10.49
C ASN B 78 1.93 -7.59 -9.40
N ALA B 79 2.00 -8.90 -9.64
CA ALA B 79 1.72 -9.87 -8.61
C ALA B 79 2.74 -9.73 -7.44
N TYR B 80 3.99 -9.38 -7.72
CA TYR B 80 5.03 -9.21 -6.75
C TYR B 80 4.63 -8.04 -5.86
N LYS B 81 4.35 -6.93 -6.50
CA LYS B 81 3.89 -5.75 -5.80
C LYS B 81 2.70 -6.06 -4.87
N ASN B 82 1.71 -6.76 -5.43
CA ASN B 82 0.49 -7.02 -4.68
C ASN B 82 0.71 -8.11 -3.64
N ALA B 83 1.82 -8.80 -3.64
CA ALA B 83 2.19 -9.74 -2.60
C ALA B 83 3.06 -9.04 -1.57
N GLY B 84 3.28 -7.74 -1.70
CA GLY B 84 4.01 -7.00 -0.69
C GLY B 84 5.52 -6.84 -0.93
N ILE B 85 5.95 -7.24 -2.11
CA ILE B 85 7.42 -7.28 -2.39
C ILE B 85 7.85 -6.30 -3.44
N THR B 86 8.72 -5.35 -3.17
CA THR B 86 9.23 -4.47 -4.20
C THR B 86 10.72 -4.33 -3.92
N THR B 87 11.49 -4.02 -4.96
CA THR B 87 12.91 -3.67 -4.73
C THR B 87 13.22 -2.36 -5.46
N SER B 88 14.32 -1.80 -5.09
CA SER B 88 14.86 -0.63 -5.74
C SER B 88 16.35 -0.56 -5.44
N GLY B 89 17.22 -0.75 -6.42
CA GLY B 89 18.67 -0.66 -6.11
C GLY B 89 19.07 -1.87 -5.28
N ASN B 90 19.61 -1.53 -4.10
CA ASN B 90 20.02 -2.58 -3.17
C ASN B 90 19.01 -2.75 -2.05
N LYS B 91 17.80 -2.21 -2.22
CA LYS B 91 16.78 -2.29 -1.17
C LYS B 91 15.59 -3.22 -1.49
N LEU B 92 15.19 -3.95 -0.48
CA LEU B 92 14.09 -4.88 -0.49
C LEU B 92 13.07 -4.41 0.55
N ARG B 93 11.90 -4.06 0.05
CA ARG B 93 10.81 -3.55 0.89
C ARG B 93 9.75 -4.63 1.01
N LEU B 94 9.50 -5.12 2.23
CA LEU B 94 8.47 -6.12 2.46
C LEU B 94 7.30 -5.53 3.29
N GLN B 95 6.08 -5.61 2.79
CA GLN B 95 4.91 -5.03 3.46
C GLN B 95 4.02 -6.14 3.96
N GLN B 96 3.64 -6.08 5.24
CA GLN B 96 2.82 -7.17 5.81
C GLN B 96 1.44 -7.22 5.19
N LEU B 97 0.88 -6.05 4.87
CA LEU B 97 -0.45 -5.99 4.27
C LEU B 97 -0.58 -5.19 2.98
N ILE B 98 -1.44 -5.59 2.04
CA ILE B 98 -1.64 -4.84 0.81
C ILE B 98 -3.15 -4.65 0.64
N ASN B 99 -3.66 -3.42 0.57
CA ASN B 99 -5.11 -3.15 0.48
C ASN B 99 -5.86 -3.92 1.56
N ASN B 100 -5.37 -3.91 2.79
CA ASN B 100 -5.93 -4.69 3.89
C ASN B 100 -6.05 -6.17 3.66
N GLN B 101 -5.18 -6.78 2.88
CA GLN B 101 -5.12 -8.22 2.70
C GLN B 101 -3.79 -8.60 3.40
N LEU B 102 -3.81 -9.62 4.22
CA LEU B 102 -2.60 -10.13 4.86
C LEU B 102 -1.71 -10.74 3.77
N VAL B 103 -0.55 -10.20 3.46
CA VAL B 103 0.24 -10.87 2.38
C VAL B 103 1.46 -11.53 3.00
N SER B 104 2.00 -10.96 4.09
CA SER B 104 3.08 -11.58 4.85
C SER B 104 4.08 -12.35 3.98
N PRO B 105 4.80 -11.63 3.14
CA PRO B 105 5.74 -12.23 2.19
C PRO B 105 6.94 -12.90 2.86
N ARG B 106 7.40 -13.95 2.22
CA ARG B 106 8.65 -14.63 2.52
C ARG B 106 9.32 -14.83 1.15
N VAL B 107 10.55 -14.41 1.01
CA VAL B 107 11.35 -14.48 -0.20
C VAL B 107 12.79 -14.97 0.01
N TYR B 108 13.33 -15.51 -1.09
CA TYR B 108 14.68 -16.11 -1.15
C TYR B 108 15.53 -15.39 -2.19
N LEU B 109 16.84 -15.45 -2.06
CA LEU B 109 17.78 -14.81 -2.95
C LEU B 109 18.28 -15.85 -3.97
N LEU B 110 18.03 -15.53 -5.24
CA LEU B 110 18.41 -16.29 -6.39
C LEU B 110 19.72 -15.78 -6.96
N GLU B 111 20.45 -16.73 -7.55
CA GLU B 111 21.63 -16.33 -8.33
C GLU B 111 21.14 -15.50 -9.53
N GLU B 112 22.06 -14.78 -10.17
CA GLU B 112 21.83 -14.01 -11.37
C GLU B 112 21.14 -14.77 -12.51
N ASN B 113 21.40 -16.04 -12.72
CA ASN B 113 20.71 -16.81 -13.74
C ASN B 113 19.31 -17.23 -13.35
N LYS B 114 18.85 -16.95 -12.12
CA LYS B 114 17.53 -17.28 -11.68
C LYS B 114 17.17 -18.75 -11.55
N LYS B 115 18.01 -19.69 -11.82
CA LYS B 115 17.71 -21.09 -11.81
C LYS B 115 18.13 -21.83 -10.55
N LYS B 116 18.91 -21.16 -9.71
CA LYS B 116 19.40 -21.76 -8.49
C LYS B 116 19.42 -20.68 -7.41
N TYR B 117 19.21 -21.11 -6.19
CA TYR B 117 19.35 -20.19 -5.05
C TYR B 117 20.82 -19.79 -4.98
N GLU B 118 21.04 -18.59 -4.49
CA GLU B 118 22.40 -18.12 -4.22
C GLU B 118 22.85 -18.78 -2.92
N MET B 119 23.80 -19.69 -2.92
CA MET B 119 24.26 -20.44 -1.75
C MET B 119 25.34 -19.75 -0.97
N LEU B 120 25.08 -19.35 0.26
CA LEU B 120 26.03 -18.56 1.06
C LEU B 120 26.76 -19.52 1.98
N HIS B 121 28.07 -19.41 2.05
CA HIS B 121 29.01 -20.24 2.77
C HIS B 121 29.55 -19.28 3.83
N LEU B 122 28.96 -19.29 5.02
CA LEU B 122 29.29 -18.26 5.99
C LEU B 122 30.33 -18.59 7.01
N THR B 123 30.66 -19.86 7.18
CA THR B 123 31.63 -20.16 8.26
C THR B 123 32.93 -19.46 7.99
N GLY B 124 33.51 -18.69 8.90
CA GLY B 124 34.77 -18.00 8.62
C GLY B 124 34.55 -16.69 7.90
N THR B 125 33.32 -16.23 7.65
CA THR B 125 33.17 -14.95 6.91
C THR B 125 32.28 -13.98 7.68
N GLU B 126 31.92 -12.87 7.11
CA GLU B 126 31.16 -11.78 7.61
C GLU B 126 29.93 -11.49 6.75
N PHE B 127 28.88 -10.97 7.36
CA PHE B 127 27.63 -10.67 6.67
C PHE B 127 27.08 -9.38 7.27
N SER B 128 26.85 -8.38 6.43
CA SER B 128 26.31 -7.10 6.88
C SER B 128 25.05 -6.74 6.07
N PHE B 129 24.19 -5.92 6.65
CA PHE B 129 23.00 -5.43 6.00
C PHE B 129 22.49 -4.21 6.77
N ASP B 130 21.83 -3.32 6.02
CA ASP B 130 21.20 -2.16 6.66
C ASP B 130 19.72 -2.50 6.77
N VAL B 131 19.09 -1.94 7.81
CA VAL B 131 17.69 -2.26 8.06
C VAL B 131 16.94 -1.06 8.62
N GLU B 132 15.67 -0.98 8.30
CA GLU B 132 14.74 0.10 8.68
C GLU B 132 13.59 -0.58 9.42
N MET B 133 13.63 -0.40 10.74
CA MET B 133 12.71 -1.12 11.62
C MET B 133 11.58 -0.31 12.25
N GLU B 134 11.57 0.98 12.02
CA GLU B 134 10.57 1.88 12.60
C GLU B 134 9.15 1.45 12.44
N LYS B 135 8.73 0.77 11.36
CA LYS B 135 7.30 0.44 11.23
C LYS B 135 6.91 -0.92 11.72
N LEU B 136 7.74 -1.33 12.70
CA LEU B 136 7.45 -2.68 13.21
C LEU B 136 7.31 -2.60 14.71
N PRO B 137 6.07 -2.56 15.15
CA PRO B 137 5.70 -2.54 16.55
C PRO B 137 5.72 -3.94 17.16
N CYS B 138 5.45 -4.03 18.46
CA CYS B 138 5.34 -5.26 19.23
C CYS B 138 4.53 -6.28 18.42
N GLY B 139 4.85 -7.56 18.52
CA GLY B 139 4.11 -8.62 17.87
C GLY B 139 4.54 -8.87 16.42
N MET B 140 5.25 -7.97 15.78
CA MET B 140 5.72 -8.09 14.43
C MET B 140 7.08 -8.81 14.50
N ASN B 141 7.33 -9.47 13.38
CA ASN B 141 8.68 -10.06 13.17
C ASN B 141 9.14 -9.80 11.73
N GLY B 142 10.19 -9.01 11.58
CA GLY B 142 10.85 -8.70 10.32
C GLY B 142 12.13 -9.57 10.29
N ALA B 143 12.12 -10.70 9.58
CA ALA B 143 13.22 -11.65 9.71
C ALA B 143 14.13 -11.79 8.49
N LEU B 144 15.40 -11.92 8.87
CA LEU B 144 16.46 -12.22 7.89
C LEU B 144 17.20 -13.45 8.41
N TYR B 145 17.11 -14.54 7.66
CA TYR B 145 17.77 -15.75 8.16
C TYR B 145 18.22 -16.68 7.05
N LEU B 146 18.82 -17.80 7.42
CA LEU B 146 19.24 -18.79 6.42
C LEU B 146 18.72 -20.17 6.70
N SER B 147 18.46 -20.96 5.68
CA SER B 147 18.02 -22.33 5.88
C SER B 147 18.84 -23.22 4.95
N GLU B 148 18.92 -24.51 5.27
CA GLU B 148 19.70 -25.34 4.37
C GLU B 148 18.78 -26.01 3.34
N MET B 149 18.23 -25.17 2.49
CA MET B 149 17.35 -25.60 1.41
C MET B 149 18.23 -26.15 0.27
N PRO B 150 17.72 -27.04 -0.54
CA PRO B 150 18.34 -27.55 -1.74
C PRO B 150 18.45 -26.41 -2.76
N GLN B 151 19.62 -26.28 -3.37
CA GLN B 151 19.91 -25.17 -4.25
C GLN B 151 19.03 -25.14 -5.50
N ASP B 152 18.52 -26.30 -5.92
CA ASP B 152 17.67 -26.34 -7.08
C ASP B 152 16.21 -26.43 -6.67
N GLY B 153 15.88 -26.18 -5.39
CA GLY B 153 14.48 -26.33 -4.94
C GLY B 153 13.96 -27.74 -4.89
N GLY B 154 14.90 -28.72 -5.00
CA GLY B 154 14.54 -30.10 -4.93
C GLY B 154 14.30 -30.83 -6.25
N LYS B 155 14.52 -30.12 -7.35
CA LYS B 155 14.27 -30.71 -8.66
C LYS B 155 14.97 -32.05 -8.85
N SER B 156 16.20 -32.20 -8.42
CA SER B 156 16.94 -33.45 -8.55
C SER B 156 16.47 -34.60 -7.71
N THR B 157 15.62 -34.46 -6.71
CA THR B 157 15.14 -35.60 -5.91
C THR B 157 14.05 -36.35 -6.65
N SER B 158 13.40 -35.79 -7.67
CA SER B 158 12.32 -36.53 -8.30
C SER B 158 11.98 -35.99 -9.66
N ARG B 159 11.55 -36.88 -10.55
CA ARG B 159 11.11 -36.47 -11.88
C ARG B 159 9.81 -35.70 -11.84
N ASN B 160 8.99 -35.83 -10.81
CA ASN B 160 7.77 -35.05 -10.66
C ASN B 160 8.04 -33.70 -10.00
N SER B 161 9.28 -33.36 -9.69
CA SER B 161 9.51 -32.06 -9.02
C SER B 161 9.87 -31.04 -10.07
N LYS B 162 8.96 -30.08 -10.30
CA LYS B 162 9.12 -29.18 -11.44
C LYS B 162 9.45 -27.75 -11.17
N ALA B 163 8.92 -27.22 -10.07
CA ALA B 163 9.11 -25.81 -9.75
C ALA B 163 10.54 -25.35 -9.75
N GLY B 164 11.37 -25.93 -8.89
CA GLY B 164 12.74 -25.50 -8.67
C GLY B 164 12.80 -24.23 -7.86
N ALA B 165 13.95 -23.64 -7.81
CA ALA B 165 14.25 -22.41 -7.12
C ALA B 165 13.58 -21.23 -7.83
N TYR B 166 13.38 -21.44 -9.14
CA TYR B 166 12.88 -20.39 -10.02
C TYR B 166 11.51 -19.88 -9.52
N TYR B 167 10.72 -20.83 -9.05
CA TYR B 167 9.39 -20.58 -8.51
C TYR B 167 9.32 -20.67 -7.00
N GLY B 168 10.45 -20.68 -6.29
CA GLY B 168 10.50 -20.66 -4.83
C GLY B 168 10.13 -21.94 -4.13
N ALA B 169 10.48 -23.11 -4.64
CA ALA B 169 10.18 -24.38 -3.99
C ALA B 169 11.31 -24.79 -3.00
N GLY B 170 11.03 -25.84 -2.25
CA GLY B 170 12.03 -26.48 -1.37
C GLY B 170 12.31 -25.87 -0.03
N TYR B 171 11.42 -24.99 0.48
CA TYR B 171 11.60 -24.37 1.78
C TYR B 171 11.67 -25.41 2.90
N CYS B 172 12.44 -25.08 3.93
CA CYS B 172 12.52 -25.94 5.10
C CYS B 172 13.07 -25.00 6.20
N ASP B 173 12.93 -25.40 7.45
CA ASP B 173 13.54 -24.64 8.54
C ASP B 173 13.63 -25.57 9.76
N ALA B 174 14.04 -25.08 10.91
CA ALA B 174 14.21 -25.97 12.08
C ALA B 174 12.97 -26.41 12.84
N GLN B 175 11.78 -25.96 12.46
CA GLN B 175 10.55 -26.32 13.17
C GLN B 175 10.00 -27.59 12.63
N CYS B 176 10.50 -28.06 11.47
CA CYS B 176 9.94 -29.33 10.98
C CYS B 176 8.42 -29.26 10.86
N TYR B 177 7.85 -28.17 10.33
CA TYR B 177 6.42 -28.13 10.05
C TYR B 177 5.98 -29.00 8.86
N VAL B 178 4.77 -29.53 8.92
CA VAL B 178 4.19 -30.31 7.82
C VAL B 178 3.62 -29.35 6.77
N THR B 179 4.17 -29.31 5.56
CA THR B 179 3.66 -28.47 4.49
C THR B 179 3.15 -29.39 3.40
N PRO B 180 2.15 -28.99 2.62
CA PRO B 180 1.55 -29.82 1.58
C PRO B 180 2.55 -30.23 0.52
N PHE B 181 3.65 -29.48 0.30
CA PHE B 181 4.67 -29.82 -0.68
C PHE B 181 6.03 -29.93 0.02
N ILE B 182 6.85 -30.87 -0.46
CA ILE B 182 8.18 -31.01 0.12
C ILE B 182 9.13 -31.22 -1.05
N ASN B 183 10.20 -30.43 -1.17
CA ASN B 183 11.07 -30.58 -2.32
C ASN B 183 10.34 -30.41 -3.65
N GLY B 184 9.25 -29.63 -3.77
CA GLY B 184 8.55 -29.52 -5.03
C GLY B 184 7.72 -30.73 -5.38
N VAL B 185 7.45 -31.66 -4.48
CA VAL B 185 6.54 -32.77 -4.71
C VAL B 185 5.52 -32.84 -3.56
N GLY B 186 4.35 -33.40 -3.84
CA GLY B 186 3.28 -33.49 -2.85
C GLY B 186 3.78 -34.30 -1.65
N ASN B 187 3.59 -33.83 -0.43
CA ASN B 187 4.01 -34.47 0.83
C ASN B 187 2.97 -35.49 1.27
N ILE B 188 2.78 -36.52 0.47
CA ILE B 188 1.81 -37.59 0.66
C ILE B 188 1.84 -38.25 2.01
N LYS B 189 3.01 -38.54 2.57
CA LYS B 189 3.17 -39.11 3.88
C LYS B 189 3.06 -38.06 4.98
N GLY B 190 3.02 -36.78 4.63
CA GLY B 190 2.85 -35.82 5.73
C GLY B 190 4.03 -35.77 6.66
N GLN B 191 5.24 -35.71 6.15
CA GLN B 191 6.43 -35.56 6.96
C GLN B 191 6.67 -34.11 7.31
N GLY B 192 7.31 -33.89 8.46
CA GLY B 192 7.62 -32.47 8.77
C GLY B 192 8.83 -32.13 7.88
N VAL B 193 9.04 -30.87 7.53
CA VAL B 193 10.11 -30.47 6.62
C VAL B 193 11.24 -29.78 7.33
N CYS B 194 12.30 -30.54 7.65
CA CYS B 194 13.37 -29.96 8.47
C CYS B 194 14.71 -29.65 7.82
N CYS B 195 15.42 -28.66 8.39
CA CYS B 195 16.76 -28.42 7.96
C CYS B 195 17.40 -27.43 8.92
N ASN B 196 18.71 -27.40 8.93
CA ASN B 196 19.47 -26.49 9.76
C ASN B 196 19.00 -25.05 9.50
N GLU B 197 19.17 -24.19 10.51
CA GLU B 197 18.67 -22.84 10.30
C GLU B 197 19.46 -21.83 11.14
N LEU B 198 19.85 -20.71 10.49
CA LEU B 198 20.59 -19.69 11.21
C LEU B 198 19.75 -18.40 11.18
N ASP B 199 19.18 -18.02 12.33
CA ASP B 199 18.38 -16.77 12.39
C ASP B 199 19.32 -15.65 12.75
N ILE B 200 19.76 -14.86 11.78
CA ILE B 200 20.68 -13.75 12.04
C ILE B 200 19.94 -12.59 12.68
N TRP B 201 18.71 -12.36 12.26
CA TRP B 201 17.90 -11.23 12.71
C TRP B 201 16.42 -11.60 12.72
N GLU B 202 15.87 -11.65 13.91
CA GLU B 202 14.44 -11.81 14.22
C GLU B 202 14.13 -10.62 15.13
N ALA B 203 13.36 -9.67 14.58
CA ALA B 203 13.18 -8.42 15.29
C ALA B 203 11.90 -7.62 14.98
N ASN B 204 11.72 -6.64 15.87
CA ASN B 204 10.75 -5.57 15.60
C ASN B 204 11.45 -4.31 16.14
N SER B 205 10.76 -3.19 16.26
CA SER B 205 11.49 -1.99 16.73
C SER B 205 11.70 -2.05 18.24
N ARG B 206 11.10 -3.01 18.93
CA ARG B 206 11.20 -3.06 20.37
C ARG B 206 12.29 -4.02 20.85
N ALA B 207 12.50 -5.12 20.15
CA ALA B 207 13.49 -6.12 20.51
C ALA B 207 14.03 -6.83 19.26
N THR B 208 15.26 -7.34 19.42
CA THR B 208 15.90 -8.13 18.43
C THR B 208 16.46 -9.45 19.02
N HIS B 209 16.53 -10.45 18.17
CA HIS B 209 17.00 -11.78 18.55
C HIS B 209 17.92 -12.46 17.50
N ILE B 210 18.89 -13.24 17.98
CA ILE B 210 19.80 -13.99 17.13
C ILE B 210 19.67 -15.43 17.56
N ALA B 211 19.56 -16.38 16.66
CA ALA B 211 19.56 -17.78 17.04
C ALA B 211 19.90 -18.77 15.95
N PRO B 212 21.01 -19.47 16.16
CA PRO B 212 21.41 -20.64 15.38
C PRO B 212 20.56 -21.81 15.82
N HIS B 213 20.04 -22.62 14.92
CA HIS B 213 19.30 -23.81 15.13
C HIS B 213 19.86 -25.01 14.34
N PRO B 214 20.74 -25.81 14.91
CA PRO B 214 21.28 -27.01 14.34
C PRO B 214 20.30 -28.17 14.29
N CYS B 215 20.56 -29.05 13.32
CA CYS B 215 19.75 -30.27 13.19
C CYS B 215 20.84 -31.31 12.94
N SER B 216 20.57 -32.54 13.30
CA SER B 216 21.54 -33.61 13.17
C SER B 216 21.58 -34.13 11.73
N LYS B 217 20.52 -33.98 10.96
CA LYS B 217 20.52 -34.38 9.57
C LYS B 217 20.85 -33.24 8.61
N PRO B 218 21.73 -33.55 7.67
CA PRO B 218 22.25 -32.60 6.68
C PRO B 218 21.27 -32.38 5.55
N GLY B 219 21.15 -31.15 5.07
CA GLY B 219 20.21 -30.86 3.96
C GLY B 219 18.76 -30.92 4.48
N LEU B 220 17.85 -31.10 3.51
CA LEU B 220 16.41 -31.08 3.79
C LEU B 220 16.01 -32.48 4.21
N TYR B 221 15.45 -32.67 5.38
CA TYR B 221 15.09 -34.05 5.81
C TYR B 221 13.63 -34.10 6.13
N GLY B 222 12.87 -35.03 5.59
CA GLY B 222 11.44 -35.13 5.93
C GLY B 222 11.32 -36.00 7.18
N CYS B 223 10.91 -35.49 8.32
CA CYS B 223 10.81 -36.26 9.55
C CYS B 223 9.45 -36.91 9.74
N THR B 224 9.39 -37.97 10.52
CA THR B 224 8.20 -38.66 10.93
C THR B 224 8.24 -38.88 12.46
N GLY B 225 7.05 -38.97 13.06
CA GLY B 225 6.93 -39.28 14.46
C GLY B 225 7.73 -38.34 15.34
N ASP B 226 8.52 -38.89 16.24
CA ASP B 226 9.29 -38.16 17.23
C ASP B 226 10.51 -37.42 16.69
N GLU B 227 10.85 -37.73 15.45
CA GLU B 227 11.92 -37.01 14.76
C GLU B 227 11.55 -35.53 14.63
N CYS B 228 10.26 -35.24 14.44
CA CYS B 228 9.77 -33.89 14.27
C CYS B 228 9.57 -33.12 15.57
N GLY B 229 9.60 -33.79 16.70
CA GLY B 229 9.36 -33.09 17.96
C GLY B 229 10.61 -32.52 18.58
N SER B 230 10.42 -32.03 19.79
CA SER B 230 11.38 -31.44 20.70
C SER B 230 12.55 -32.32 21.12
N SER B 231 12.42 -33.61 20.97
CA SER B 231 13.50 -34.53 21.19
C SER B 231 13.99 -35.12 19.88
N GLY B 232 13.58 -34.49 18.76
CA GLY B 232 13.96 -35.02 17.45
C GLY B 232 15.27 -34.47 16.92
N ILE B 233 15.30 -34.31 15.59
CA ILE B 233 16.51 -34.04 14.83
C ILE B 233 16.87 -32.59 14.77
N CYS B 234 15.98 -31.69 15.13
CA CYS B 234 16.29 -30.28 15.01
C CYS B 234 16.02 -29.50 16.28
N ASP B 235 16.81 -28.50 16.57
CA ASP B 235 16.66 -27.62 17.73
C ASP B 235 15.63 -26.53 17.45
N LYS B 236 14.38 -26.76 17.87
CA LYS B 236 13.32 -25.77 17.69
C LYS B 236 13.60 -24.44 18.34
N ALA B 237 14.04 -24.41 19.59
CA ALA B 237 14.33 -23.20 20.31
C ALA B 237 15.57 -22.44 19.89
N GLY B 238 16.65 -23.11 19.52
CA GLY B 238 17.85 -22.42 19.15
C GLY B 238 18.60 -21.98 20.39
N CYS B 239 19.80 -21.44 20.23
CA CYS B 239 20.61 -20.88 21.26
C CYS B 239 20.47 -19.37 20.98
N GLY B 240 19.67 -18.68 21.76
CA GLY B 240 19.40 -17.28 21.55
C GLY B 240 20.27 -16.28 22.29
N TRP B 241 20.24 -15.12 21.63
CA TRP B 241 20.83 -13.92 22.12
C TRP B 241 19.84 -12.77 21.81
N ASN B 242 19.37 -12.18 22.89
CA ASN B 242 18.55 -10.98 22.94
C ASN B 242 19.07 -10.20 24.15
N HIS B 243 19.64 -9.04 23.96
CA HIS B 243 20.18 -8.22 25.03
C HIS B 243 19.27 -8.09 26.25
N ASN B 244 17.94 -7.99 26.08
CA ASN B 244 17.04 -7.91 27.21
C ASN B 244 17.12 -9.22 27.99
N ARG B 245 17.22 -10.41 27.38
CA ARG B 245 17.33 -11.62 28.22
C ARG B 245 18.61 -11.68 29.04
N ILE B 246 19.68 -11.00 28.74
CA ILE B 246 20.90 -11.07 29.53
C ILE B 246 21.08 -9.77 30.29
N ASN B 247 19.96 -9.08 30.50
CA ASN B 247 19.84 -7.92 31.36
C ASN B 247 20.59 -6.69 30.92
N VAL B 248 20.43 -6.32 29.66
CA VAL B 248 21.02 -5.09 29.15
C VAL B 248 19.86 -4.46 28.36
N THR B 249 18.92 -3.89 29.09
CA THR B 249 17.64 -3.44 28.54
C THR B 249 17.70 -2.08 27.87
N ASP B 250 18.81 -1.36 27.86
CA ASP B 250 18.88 -0.11 27.15
C ASP B 250 19.73 -0.23 25.90
N PHE B 251 20.00 -1.46 25.41
CA PHE B 251 20.86 -1.59 24.24
C PHE B 251 20.12 -1.22 22.95
N TYR B 252 18.90 -1.77 22.81
CA TYR B 252 18.23 -1.55 21.53
C TYR B 252 16.78 -1.17 21.70
N GLY B 253 16.35 -0.14 20.97
CA GLY B 253 14.92 0.22 21.14
C GLY B 253 14.62 1.57 20.52
N ARG B 254 13.36 2.00 20.72
CA ARG B 254 12.85 3.21 20.09
C ARG B 254 13.36 4.47 20.72
N GLY B 255 14.21 5.24 20.05
CA GLY B 255 14.69 6.48 20.60
C GLY B 255 16.12 6.59 21.03
N LYS B 256 16.54 7.85 21.31
CA LYS B 256 17.91 8.18 21.70
C LYS B 256 18.33 7.69 23.05
N GLN B 257 17.47 7.20 23.91
CA GLN B 257 17.85 6.57 25.15
C GLN B 257 18.44 5.17 24.91
N TYR B 258 18.40 4.64 23.70
CA TYR B 258 18.93 3.32 23.45
C TYR B 258 20.26 3.39 22.71
N LYS B 259 21.10 2.38 22.97
CA LYS B 259 22.41 2.43 22.28
C LYS B 259 22.21 2.33 20.78
N VAL B 260 21.28 1.53 20.33
CA VAL B 260 20.96 1.39 18.92
C VAL B 260 19.49 1.81 18.81
N ASP B 261 19.28 2.95 18.17
CA ASP B 261 17.96 3.51 17.99
C ASP B 261 17.21 2.87 16.82
N SER B 262 16.19 2.07 17.09
CA SER B 262 15.45 1.38 16.06
C SER B 262 14.49 2.26 15.26
N THR B 263 14.36 3.56 15.58
CA THR B 263 13.48 4.37 14.75
C THR B 263 14.26 4.87 13.55
N ARG B 264 15.58 4.77 13.51
CA ARG B 264 16.40 5.17 12.39
C ARG B 264 17.24 4.01 11.82
N LYS B 265 17.63 4.15 10.55
CA LYS B 265 18.38 3.13 9.85
C LYS B 265 19.68 2.83 10.65
N PHE B 266 20.12 1.60 10.53
CA PHE B 266 21.42 1.24 11.11
C PHE B 266 21.88 -0.02 10.37
N THR B 267 23.14 -0.33 10.51
CA THR B 267 23.82 -1.46 9.89
C THR B 267 24.01 -2.55 10.93
N VAL B 268 23.74 -3.79 10.51
CA VAL B 268 23.98 -4.98 11.32
C VAL B 268 25.16 -5.81 10.76
N THR B 269 26.24 -6.03 11.46
CA THR B 269 27.39 -6.82 11.00
C THR B 269 27.59 -8.07 11.84
N SER B 270 27.52 -9.25 11.23
CA SER B 270 27.70 -10.52 11.93
C SER B 270 28.94 -11.24 11.40
N GLN B 271 29.78 -11.75 12.29
CA GLN B 271 31.08 -12.38 11.96
C GLN B 271 31.09 -13.78 12.55
N PHE B 272 31.25 -14.74 11.65
CA PHE B 272 31.21 -16.14 12.05
C PHE B 272 32.66 -16.64 12.10
N VAL B 273 33.27 -16.55 13.28
CA VAL B 273 34.66 -16.94 13.50
C VAL B 273 34.87 -18.44 13.52
N ALA B 274 35.86 -18.91 12.75
CA ALA B 274 36.20 -20.34 12.69
C ALA B 274 37.54 -20.60 13.36
N ASN B 275 37.76 -21.84 13.82
CA ASN B 275 39.11 -22.10 14.40
C ASN B 275 40.04 -22.55 13.27
N LYS B 276 41.24 -22.97 13.61
CA LYS B 276 42.25 -23.48 12.70
C LYS B 276 41.77 -24.67 11.89
N GLN B 277 40.99 -25.59 12.42
CA GLN B 277 40.47 -26.71 11.68
C GLN B 277 39.34 -26.31 10.74
N GLY B 278 38.86 -25.06 10.73
CA GLY B 278 37.72 -24.65 9.95
C GLY B 278 36.34 -24.85 10.58
N ASP B 279 36.25 -25.24 11.86
CA ASP B 279 34.96 -25.41 12.53
C ASP B 279 34.49 -24.05 13.03
N LEU B 280 33.18 -23.81 12.95
CA LEU B 280 32.67 -22.52 13.48
C LEU B 280 32.84 -22.53 14.99
N ILE B 281 33.33 -21.51 15.63
CA ILE B 281 33.43 -21.58 17.09
C ILE B 281 32.67 -20.44 17.75
N GLU B 282 32.53 -19.26 17.15
CA GLU B 282 31.85 -18.13 17.73
C GLU B 282 31.06 -17.29 16.72
N LEU B 283 29.98 -16.68 17.18
CA LEU B 283 29.14 -15.79 16.44
C LEU B 283 29.15 -14.41 17.11
N HIS B 284 29.69 -13.42 16.45
CA HIS B 284 29.84 -12.07 16.89
C HIS B 284 28.92 -11.14 16.08
N ARG B 285 28.63 -10.01 16.73
CA ARG B 285 27.71 -9.04 16.20
C ARG B 285 28.14 -7.67 16.70
N HIS B 286 28.11 -6.71 15.79
CA HIS B 286 28.31 -5.31 16.13
C HIS B 286 27.37 -4.48 15.26
N TYR B 287 27.08 -3.24 15.64
CA TYR B 287 26.16 -2.38 14.91
C TYR B 287 26.85 -1.09 14.47
N ILE B 288 26.37 -0.48 13.39
CA ILE B 288 26.89 0.84 13.00
C ILE B 288 25.68 1.76 12.78
N GLN B 289 25.66 2.86 13.50
CA GLN B 289 24.64 3.89 13.43
C GLN B 289 25.32 5.24 13.68
N ASP B 290 25.02 6.22 12.86
CA ASP B 290 25.62 7.55 12.99
C ASP B 290 27.12 7.49 12.91
N ASN B 291 27.64 6.60 12.05
CA ASN B 291 29.09 6.52 11.90
C ASN B 291 29.84 6.05 13.12
N LYS B 292 29.26 5.31 14.05
CA LYS B 292 30.01 4.81 15.18
C LYS B 292 29.78 3.30 15.26
N VAL B 293 30.82 2.59 15.64
CA VAL B 293 30.66 1.16 15.88
C VAL B 293 30.03 0.96 17.25
N ILE B 294 28.98 0.18 17.33
CA ILE B 294 28.31 -0.08 18.60
C ILE B 294 28.45 -1.59 18.82
N GLU B 295 29.35 -1.90 19.73
CA GLU B 295 29.69 -3.26 20.12
C GLU B 295 28.62 -3.96 20.90
N SER B 296 28.43 -5.25 20.82
CA SER B 296 27.40 -5.92 21.62
C SER B 296 27.86 -5.79 23.09
N ALA B 297 26.90 -5.90 23.98
CA ALA B 297 27.19 -5.75 25.40
C ALA B 297 27.44 -7.13 26.01
N VAL B 298 28.29 -7.13 27.03
CA VAL B 298 28.67 -8.33 27.75
C VAL B 298 27.51 -8.88 28.55
N VAL B 299 27.31 -10.17 28.66
CA VAL B 299 26.23 -10.71 29.49
C VAL B 299 26.23 -9.96 30.82
N ASN B 300 25.04 -9.65 31.35
CA ASN B 300 24.88 -8.88 32.56
C ASN B 300 24.02 -9.57 33.64
N ILE B 301 23.97 -10.88 33.62
CA ILE B 301 23.27 -11.71 34.55
C ILE B 301 24.34 -12.67 35.09
N SER B 302 24.08 -13.41 36.14
CA SER B 302 25.06 -14.32 36.72
C SER B 302 24.88 -15.69 36.11
N GLY B 303 25.98 -16.38 35.80
CA GLY B 303 25.80 -17.72 35.22
C GLY B 303 26.66 -17.91 33.98
N PRO B 304 26.26 -17.28 32.88
CA PRO B 304 26.97 -17.43 31.61
C PRO B 304 28.29 -16.68 31.68
N PRO B 305 29.23 -17.05 30.84
CA PRO B 305 30.54 -16.43 30.73
C PRO B 305 30.29 -14.95 30.44
N LYS B 306 31.20 -14.11 30.82
CA LYS B 306 31.06 -12.66 30.65
C LYS B 306 31.63 -12.27 29.31
N ILE B 307 30.91 -12.61 28.26
CA ILE B 307 31.35 -12.33 26.89
C ILE B 307 30.22 -11.63 26.15
N ASN B 308 30.44 -11.21 24.93
CA ASN B 308 29.43 -10.51 24.16
C ASN B 308 29.19 -11.21 22.83
N PHE B 309 29.41 -12.52 22.81
CA PHE B 309 29.19 -13.31 21.61
C PHE B 309 28.68 -14.70 21.94
N ILE B 310 28.19 -15.37 20.90
CA ILE B 310 27.72 -16.72 21.13
C ILE B 310 28.88 -17.72 20.97
N ASN B 311 28.86 -18.73 21.84
CA ASN B 311 29.73 -19.88 21.76
C ASN B 311 29.00 -21.02 22.51
N ASP B 312 29.58 -22.19 22.47
CA ASP B 312 29.00 -23.35 23.14
C ASP B 312 28.86 -23.17 24.66
N LYS B 313 29.78 -22.52 25.30
CA LYS B 313 29.78 -22.26 26.73
C LYS B 313 28.63 -21.31 27.11
N TYR B 314 28.45 -20.27 26.30
CA TYR B 314 27.30 -19.41 26.50
C TYR B 314 26.00 -20.19 26.29
N CYS B 315 25.91 -21.12 25.33
CA CYS B 315 24.65 -21.77 25.09
C CYS B 315 24.29 -22.78 26.18
N ALA B 316 25.30 -23.43 26.74
CA ALA B 316 25.07 -24.46 27.76
C ALA B 316 24.63 -23.72 29.05
N ALA B 317 25.26 -22.63 29.36
CA ALA B 317 24.93 -21.86 30.55
C ALA B 317 23.58 -21.14 30.50
N THR B 318 22.93 -20.98 29.35
CA THR B 318 21.69 -20.24 29.27
C THR B 318 20.59 -21.23 28.92
N GLY B 319 20.88 -22.50 29.16
CA GLY B 319 19.89 -23.53 28.95
C GLY B 319 19.61 -24.00 27.56
N ALA B 320 20.42 -23.75 26.52
CA ALA B 320 20.06 -24.32 25.19
C ALA B 320 20.45 -25.79 25.18
N ASN B 321 19.62 -26.67 25.74
CA ASN B 321 20.01 -28.07 25.87
C ASN B 321 19.89 -28.90 24.60
N GLU B 322 18.88 -28.61 23.79
CA GLU B 322 18.77 -29.32 22.52
C GLU B 322 19.92 -28.87 21.60
N TYR B 323 20.28 -27.61 21.63
CA TYR B 323 21.41 -27.14 20.85
C TYR B 323 22.65 -27.97 21.15
N MET B 324 23.09 -28.17 22.38
CA MET B 324 24.25 -28.98 22.75
C MET B 324 24.06 -30.42 22.33
N ARG B 325 22.92 -31.03 22.63
CA ARG B 325 22.67 -32.41 22.26
C ARG B 325 22.78 -32.63 20.76
N LEU B 326 22.39 -31.63 19.95
CA LEU B 326 22.42 -31.84 18.51
C LEU B 326 23.76 -31.35 17.95
N GLY B 327 24.79 -31.03 18.74
CA GLY B 327 26.09 -30.80 18.13
C GLY B 327 26.52 -29.37 18.26
N GLY B 328 25.69 -28.51 18.85
CA GLY B 328 26.04 -27.13 19.09
C GLY B 328 26.59 -26.35 17.91
N THR B 329 27.48 -25.41 18.21
CA THR B 329 28.07 -24.52 17.25
C THR B 329 28.79 -25.18 16.08
N LYS B 330 29.57 -26.22 16.28
CA LYS B 330 30.20 -26.98 15.21
C LYS B 330 29.13 -27.51 14.22
N GLN B 331 28.06 -28.11 14.67
CA GLN B 331 27.04 -28.65 13.80
C GLN B 331 26.37 -27.57 12.94
N MET B 332 26.12 -26.38 13.51
CA MET B 332 25.57 -25.27 12.80
C MET B 332 26.57 -24.82 11.73
N GLY B 333 27.83 -24.77 12.11
CA GLY B 333 28.96 -24.40 11.26
C GLY B 333 29.09 -25.38 10.08
N ASP B 334 28.72 -26.66 10.23
CA ASP B 334 28.83 -27.56 9.13
C ASP B 334 27.84 -27.20 8.03
N ALA B 335 26.64 -26.79 8.46
CA ALA B 335 25.55 -26.52 7.55
C ALA B 335 25.91 -25.27 6.76
N MET B 336 26.47 -24.32 7.47
CA MET B 336 26.91 -23.06 7.00
C MET B 336 28.09 -23.24 6.03
N SER B 337 28.95 -24.22 6.23
CA SER B 337 29.99 -24.54 5.26
C SER B 337 29.41 -25.28 4.09
N ARG B 338 28.48 -26.22 4.23
CA ARG B 338 27.94 -26.78 2.98
C ARG B 338 27.21 -25.71 2.19
N GLY B 339 26.70 -24.59 2.74
CA GLY B 339 26.02 -23.56 1.98
C GLY B 339 24.51 -23.56 2.27
N MET B 340 24.00 -22.36 2.48
CA MET B 340 22.62 -22.13 2.88
C MET B 340 21.95 -21.03 2.07
N VAL B 341 20.65 -21.04 2.09
CA VAL B 341 19.86 -20.08 1.31
C VAL B 341 19.41 -18.92 2.19
N LEU B 342 19.51 -17.70 1.72
CA LEU B 342 19.02 -16.52 2.34
C LEU B 342 17.50 -16.33 2.20
N ALA B 343 16.85 -16.10 3.33
CA ALA B 343 15.40 -15.86 3.37
C ALA B 343 15.07 -14.60 4.17
N MET B 344 14.19 -13.78 3.62
CA MET B 344 13.69 -12.57 4.23
C MET B 344 12.17 -12.60 4.30
N SER B 345 11.60 -12.23 5.47
CA SER B 345 10.14 -12.27 5.62
C SER B 345 9.66 -11.24 6.63
N VAL B 346 8.34 -11.11 6.73
CA VAL B 346 7.68 -10.25 7.67
C VAL B 346 6.42 -11.05 8.08
N TRP B 347 6.22 -11.13 9.39
CA TRP B 347 5.04 -11.87 9.86
C TRP B 347 4.72 -11.44 11.31
N TRP B 348 3.56 -11.95 11.70
CA TRP B 348 3.02 -11.71 13.03
C TRP B 348 2.45 -13.08 13.45
N SER B 349 1.97 -13.15 14.66
CA SER B 349 1.48 -14.42 15.19
C SER B 349 0.22 -14.33 16.05
N GLU B 350 -0.82 -14.88 15.49
CA GLU B 350 -2.10 -14.96 16.20
C GLU B 350 -2.00 -15.84 17.44
N GLY B 351 -1.22 -16.91 17.41
CA GLY B 351 -1.08 -17.82 18.53
C GLY B 351 -0.35 -17.26 19.73
N ASP B 352 0.84 -16.68 19.52
CA ASP B 352 1.56 -16.24 20.73
C ASP B 352 1.87 -14.77 20.74
N PHE B 353 1.52 -14.06 19.67
CA PHE B 353 1.78 -12.65 19.56
C PHE B 353 3.28 -12.36 19.59
N MET B 354 4.17 -13.28 19.23
CA MET B 354 5.62 -13.06 19.25
C MET B 354 6.12 -12.80 20.66
N ALA B 355 5.46 -13.37 21.67
CA ALA B 355 5.82 -13.15 23.10
C ALA B 355 7.27 -13.44 23.43
N TRP B 356 7.87 -14.46 22.85
CA TRP B 356 9.25 -14.88 23.06
C TRP B 356 10.32 -13.92 22.60
N LEU B 357 9.89 -13.07 21.66
CA LEU B 357 10.73 -12.03 21.13
C LEU B 357 10.70 -10.75 21.93
N ASP B 358 9.52 -10.23 22.35
CA ASP B 358 9.45 -8.90 22.93
C ASP B 358 8.62 -8.68 24.18
N GLN B 359 8.17 -9.72 24.86
CA GLN B 359 7.49 -9.63 26.13
C GLN B 359 8.33 -10.14 27.29
N GLY B 360 8.11 -9.57 28.47
CA GLY B 360 8.73 -9.95 29.74
C GLY B 360 10.21 -9.77 29.86
N VAL B 361 10.94 -10.90 29.95
CA VAL B 361 12.40 -10.82 29.93
C VAL B 361 12.92 -10.47 28.52
N ALA B 362 12.12 -10.78 27.49
CA ALA B 362 12.54 -10.55 26.11
C ALA B 362 12.42 -9.11 25.64
N GLY B 363 11.49 -8.35 26.20
CA GLY B 363 11.40 -6.94 25.84
C GLY B 363 10.34 -6.17 26.63
N PRO B 364 9.94 -5.01 26.13
CA PRO B 364 9.02 -4.12 26.84
C PRO B 364 7.55 -4.18 26.50
N CYS B 365 7.08 -5.14 25.75
CA CYS B 365 5.72 -5.17 25.27
C CYS B 365 4.76 -5.79 26.27
N ASP B 366 3.54 -5.20 26.38
CA ASP B 366 2.64 -5.83 27.38
C ASP B 366 2.14 -7.10 26.77
N ALA B 367 1.21 -7.83 27.36
CA ALA B 367 0.71 -9.06 26.86
C ALA B 367 -0.32 -8.99 25.75
N THR B 368 -0.83 -7.82 25.37
CA THR B 368 -1.86 -7.86 24.33
C THR B 368 -1.58 -6.90 23.19
N GLU B 369 -0.74 -5.89 23.33
CA GLU B 369 -0.52 -4.94 22.26
C GLU B 369 0.03 -5.56 20.99
N GLY B 370 0.65 -6.74 21.02
CA GLY B 370 1.19 -7.52 19.96
C GLY B 370 0.15 -8.37 19.24
N ASP B 371 -1.09 -8.21 19.65
CA ASP B 371 -2.18 -8.94 19.00
C ASP B 371 -2.31 -8.31 17.63
N PRO B 372 -2.40 -9.12 16.61
CA PRO B 372 -2.64 -8.69 15.23
C PRO B 372 -3.78 -7.67 15.16
N LYS B 373 -4.86 -7.82 15.95
CA LYS B 373 -5.90 -6.80 15.94
C LYS B 373 -5.41 -5.50 16.55
N ASN B 374 -4.48 -5.48 17.51
CA ASN B 374 -4.06 -4.16 18.01
C ASN B 374 -2.90 -3.64 17.20
N ILE B 375 -2.13 -4.51 16.52
CA ILE B 375 -0.97 -4.02 15.76
C ILE B 375 -1.40 -2.98 14.71
N VAL B 376 -2.54 -3.24 14.05
CA VAL B 376 -2.99 -2.33 13.00
C VAL B 376 -3.47 -1.00 13.59
N LYS B 377 -3.72 -0.94 14.90
CA LYS B 377 -4.13 0.36 15.46
C LYS B 377 -2.91 1.15 15.77
N VAL B 378 -1.75 0.52 15.91
CA VAL B 378 -0.54 1.26 16.22
C VAL B 378 0.12 1.64 14.91
N GLN B 379 0.13 0.63 14.02
CA GLN B 379 0.78 0.84 12.71
C GLN B 379 -0.08 0.14 11.68
N PRO B 380 -0.82 0.93 10.93
CA PRO B 380 -1.80 0.44 9.96
C PRO B 380 -1.11 -0.30 8.85
N ASN B 381 0.15 0.05 8.51
CA ASN B 381 0.86 -0.66 7.45
C ASN B 381 2.24 -1.10 7.89
N PRO B 382 2.36 -2.12 8.70
CA PRO B 382 3.64 -2.62 9.20
C PRO B 382 4.49 -3.11 8.03
N GLU B 383 5.77 -2.81 8.07
CA GLU B 383 6.67 -3.18 6.97
C GLU B 383 8.13 -3.07 7.39
N VAL B 384 8.99 -3.71 6.63
CA VAL B 384 10.45 -3.63 6.85
C VAL B 384 11.18 -3.53 5.50
N THR B 385 12.27 -2.79 5.51
CA THR B 385 13.19 -2.61 4.44
C THR B 385 14.59 -3.09 4.87
N PHE B 386 15.03 -4.10 4.12
CA PHE B 386 16.39 -4.64 4.25
C PHE B 386 17.19 -4.05 3.09
N SER B 387 18.42 -3.60 3.25
CA SER B 387 19.12 -3.15 2.05
C SER B 387 20.62 -3.36 2.19
N ASN B 388 21.37 -3.03 1.15
CA ASN B 388 22.83 -3.03 1.17
C ASN B 388 23.46 -4.31 1.72
N ILE B 389 23.05 -5.45 1.22
CA ILE B 389 23.53 -6.75 1.66
C ILE B 389 24.95 -7.02 1.16
N ARG B 390 25.88 -7.12 2.12
CA ARG B 390 27.29 -7.37 1.79
C ARG B 390 27.83 -8.59 2.54
N ILE B 391 28.41 -9.50 1.75
CA ILE B 391 28.98 -10.75 2.13
C ILE B 391 30.46 -10.78 1.74
N GLY B 392 31.32 -11.21 2.66
CA GLY B 392 32.73 -11.15 2.39
C GLY B 392 33.61 -11.49 3.56
N GLU B 393 34.86 -11.12 3.45
CA GLU B 393 35.83 -11.40 4.49
C GLU B 393 35.51 -10.59 5.75
N ILE B 394 35.91 -11.23 6.85
CA ILE B 394 35.82 -10.55 8.15
C ILE B 394 36.59 -9.26 8.06
N GLY B 395 35.99 -8.15 8.46
CA GLY B 395 36.62 -6.85 8.50
C GLY B 395 36.37 -6.07 7.19
N SER B 396 35.69 -6.70 6.23
CA SER B 396 35.49 -5.96 4.99
C SER B 396 34.08 -5.60 4.60
N THR B 397 33.02 -5.96 5.32
CA THR B 397 31.70 -5.67 4.75
C THR B 397 31.03 -4.42 5.30
N SER B 398 31.66 -3.69 6.20
CA SER B 398 31.12 -2.51 6.83
C SER B 398 32.25 -1.64 7.36
N SER B 399 32.05 -0.38 7.64
CA SER B 399 33.13 0.43 8.16
C SER B 399 32.61 1.80 8.59
N VAL B 400 33.47 2.50 9.29
CA VAL B 400 33.20 3.78 9.89
C VAL B 400 34.31 4.75 9.52
C1 NAG C . -39.39 1.13 -18.16
C2 NAG C . -40.24 2.37 -18.07
C3 NAG C . -41.59 2.23 -18.73
C4 NAG C . -41.38 1.76 -20.18
C5 NAG C . -40.48 0.51 -20.15
C6 NAG C . -40.29 0.08 -21.59
C7 NAG C . -39.90 3.83 -16.13
C8 NAG C . -40.23 4.11 -14.70
N2 NAG C . -40.51 2.71 -16.63
O3 NAG C . -42.15 3.54 -18.86
O4 NAG C . -42.66 1.53 -20.77
O5 NAG C . -39.21 0.85 -19.56
O6 NAG C . -40.00 1.15 -22.39
O7 NAG C . -39.21 4.50 -16.73
C1 NAG D . -10.76 29.00 19.83
C2 NAG D . -10.43 28.16 21.05
C3 NAG D . -10.39 29.02 22.31
C4 NAG D . -9.24 30.03 22.05
C5 NAG D . -9.79 30.97 20.96
C6 NAG D . -8.78 32.04 20.56
C7 NAG D . -11.27 25.84 21.37
C8 NAG D . -12.45 25.01 21.72
N2 NAG D . -11.48 27.17 21.32
O3 NAG D . -10.16 28.29 23.49
O4 NAG D . -8.92 30.70 23.26
O5 NAG D . -9.97 30.21 19.78
O6 NAG D . -9.24 32.71 19.42
O7 NAG D . -10.22 25.45 21.12
C1 NAG E . -9.94 -31.35 -3.01
C2 NAG E . -10.78 -30.11 -2.86
C3 NAG E . -12.14 -30.24 -3.53
C4 NAG E . -11.83 -30.52 -5.01
C5 NAG E . -11.00 -31.84 -5.04
C6 NAG E . -10.86 -32.21 -6.52
C7 NAG E . -10.35 -28.67 -0.91
C8 NAG E . -10.51 -28.53 0.55
N2 NAG E . -10.91 -29.81 -1.41
O3 NAG E . -12.88 -29.02 -3.50
O4 NAG E . -12.88 -30.81 -5.93
O5 NAG E . -9.77 -31.53 -4.43
O6 NAG E . -10.59 -31.13 -7.34
O7 NAG E . -9.83 -27.92 -1.61
C1 NAG F . 20.46 -6.01 35.80
C2 NAG F . 20.88 -6.61 37.13
C3 NAG F . 21.05 -5.57 38.23
C4 NAG F . 22.05 -4.52 37.71
C5 NAG F . 21.48 -3.90 36.41
C6 NAG F . 22.45 -2.87 35.87
C7 NAG F . 20.24 -8.99 37.31
C8 NAG F . 19.17 -9.99 37.55
N2 NAG F . 19.95 -7.69 37.56
O3 NAG F . 21.60 -6.21 39.37
O4 NAG F . 22.25 -3.45 38.65
O5 NAG F . 21.38 -4.93 35.48
O6 NAG F . 21.84 -1.94 35.04
O7 NAG F . 21.27 -9.32 36.93
#